data_6ZH3
#
_entry.id   6ZH3
#
_entity_poly.entity_id   1
_entity_poly.type   'polypeptide(L)'
_entity_poly.pdbx_seq_one_letter_code
;GSHMDYIKKAIWGPDPKEQQRRIRSVLRKNGRNIEKSLRELTVLQNKTQQLIKKSAKKNDVRTVRLYAKELYQINKQYDR
MYTSRAQLDSVRMKIDEAIRMNTLSNQMADSAGLMREVNSLVRLPQLRNTMIELEKELMKSGIISEMVDDTMESVGDVGE
EMDEAVDEEVNKIVEQYTNEKFKNVDQVPTVELAANEEEQEIPDEKVDEEADRMVNEMRERLRALQN
;
_entity_poly.pdbx_strand_id   B,A,C,D
#
# COMPACT_ATOMS: atom_id res chain seq x y z
N MET A 4 -2.87 11.23 -0.62
CA MET A 4 -4.02 11.64 -1.44
C MET A 4 -5.32 11.21 -0.80
N ASP A 5 -5.30 10.09 -0.09
CA ASP A 5 -6.51 9.48 0.42
C ASP A 5 -6.34 9.30 1.93
N TYR A 6 -6.67 10.33 2.69
CA TYR A 6 -6.26 10.35 4.09
C TYR A 6 -7.24 9.68 5.04
N ILE A 7 -8.55 9.86 4.83
CA ILE A 7 -9.53 9.25 5.72
C ILE A 7 -9.53 7.73 5.54
N LYS A 8 -9.41 7.27 4.30
CA LYS A 8 -9.42 5.83 4.04
C LYS A 8 -8.17 5.16 4.54
N LYS A 9 -7.03 5.84 4.50
CA LYS A 9 -5.82 5.29 5.10
C LYS A 9 -5.82 5.41 6.60
N ALA A 10 -6.60 6.32 7.17
CA ALA A 10 -6.66 6.40 8.63
C ALA A 10 -7.47 5.26 9.20
N ILE A 11 -8.40 4.73 8.44
CA ILE A 11 -9.25 3.62 8.88
C ILE A 11 -8.58 2.29 8.64
N TRP A 12 -8.00 2.10 7.46
CA TRP A 12 -7.51 0.81 7.02
C TRP A 12 -5.99 0.71 7.02
N GLY A 13 -5.28 1.77 7.41
CA GLY A 13 -3.85 1.69 7.46
C GLY A 13 -3.19 2.17 6.18
N PRO A 14 -1.87 2.04 6.09
CA PRO A 14 -1.15 2.66 4.97
C PRO A 14 -1.37 1.98 3.65
N ASP A 15 -1.83 0.72 3.63
CA ASP A 15 -2.26 0.06 2.40
C ASP A 15 -3.67 -0.44 2.62
N PRO A 16 -4.68 0.34 2.26
CA PRO A 16 -6.05 -0.04 2.58
C PRO A 16 -6.57 -1.22 1.79
N LYS A 17 -6.20 -1.35 0.51
CA LYS A 17 -6.83 -2.34 -0.36
C LYS A 17 -6.47 -3.78 0.01
N GLU A 18 -5.35 -3.98 0.70
CA GLU A 18 -5.02 -5.32 1.16
C GLU A 18 -5.44 -5.54 2.61
N GLN A 19 -5.66 -4.48 3.37
CA GLN A 19 -6.32 -4.60 4.67
C GLN A 19 -7.77 -5.00 4.51
N GLN A 20 -8.43 -4.49 3.46
CA GLN A 20 -9.84 -4.78 3.25
C GLN A 20 -10.07 -6.22 2.84
N ARG A 21 -9.23 -6.77 1.97
CA ARG A 21 -9.41 -8.16 1.58
C ARG A 21 -8.86 -9.12 2.61
N ARG A 22 -8.10 -8.62 3.58
CA ARG A 22 -7.64 -9.44 4.69
C ARG A 22 -8.70 -9.61 5.76
N ILE A 23 -9.59 -8.64 5.92
CA ILE A 23 -10.74 -8.84 6.80
C ILE A 23 -11.75 -9.76 6.15
N ARG A 24 -12.12 -9.46 4.91
CA ARG A 24 -13.15 -10.23 4.22
C ARG A 24 -12.72 -11.67 3.96
N SER A 25 -11.42 -11.95 3.95
CA SER A 25 -10.97 -13.34 3.95
C SER A 25 -11.30 -14.01 5.27
N VAL A 26 -10.95 -13.37 6.39
CA VAL A 26 -11.18 -13.94 7.71
C VAL A 26 -12.66 -14.01 8.02
N LEU A 27 -13.41 -13.03 7.57
CA LEU A 27 -14.79 -12.89 8.00
C LEU A 27 -15.75 -13.76 7.19
N ARG A 28 -15.24 -14.54 6.22
CA ARG A 28 -16.03 -15.61 5.62
C ARG A 28 -15.51 -16.99 5.98
N LYS A 29 -14.27 -17.09 6.48
CA LYS A 29 -13.84 -18.33 7.12
C LYS A 29 -14.70 -18.61 8.34
N ASN A 30 -14.98 -17.58 9.12
CA ASN A 30 -15.94 -17.73 10.21
C ASN A 30 -17.36 -17.70 9.68
N GLY A 31 -17.57 -17.18 8.48
CA GLY A 31 -18.89 -17.22 7.89
C GLY A 31 -19.35 -18.61 7.52
N ARG A 32 -18.41 -19.52 7.22
CA ARG A 32 -18.77 -20.89 6.92
C ARG A 32 -18.73 -21.79 8.15
N ASN A 33 -17.84 -21.49 9.10
CA ASN A 33 -17.75 -22.31 10.30
C ASN A 33 -18.97 -22.17 11.19
N ILE A 34 -19.65 -21.02 11.13
CA ILE A 34 -20.96 -20.94 11.77
C ILE A 34 -21.98 -21.74 10.97
N GLU A 35 -21.96 -21.63 9.64
CA GLU A 35 -22.93 -22.33 8.81
C GLU A 35 -22.69 -23.84 8.79
N LYS A 36 -21.45 -24.27 8.98
CA LYS A 36 -21.20 -25.70 9.14
C LYS A 36 -21.73 -26.17 10.48
N SER A 37 -21.37 -25.46 11.55
CA SER A 37 -21.75 -25.90 12.90
C SER A 37 -23.21 -25.61 13.24
N LEU A 38 -23.96 -24.96 12.36
CA LEU A 38 -25.42 -25.05 12.44
C LEU A 38 -25.97 -26.22 11.63
N ARG A 39 -25.22 -26.70 10.66
CA ARG A 39 -25.71 -27.83 9.86
C ARG A 39 -25.39 -29.16 10.52
N GLU A 40 -24.14 -29.34 10.97
CA GLU A 40 -23.74 -30.59 11.59
C GLU A 40 -24.29 -30.77 13.00
N LEU A 41 -24.80 -29.70 13.60
CA LEU A 41 -25.40 -29.78 14.92
C LEU A 41 -26.93 -29.85 14.86
N THR A 42 -27.53 -29.51 13.72
CA THR A 42 -28.95 -29.74 13.55
C THR A 42 -29.26 -31.23 13.47
N VAL A 43 -28.36 -32.01 12.88
CA VAL A 43 -28.59 -33.45 12.77
C VAL A 43 -28.37 -34.16 14.10
N LEU A 44 -27.72 -33.52 15.07
CA LEU A 44 -27.75 -34.05 16.43
C LEU A 44 -29.07 -33.72 17.12
N GLN A 45 -29.68 -32.59 16.76
CA GLN A 45 -31.04 -32.33 17.19
C GLN A 45 -32.04 -33.19 16.43
N ASN A 46 -31.70 -33.59 15.20
CA ASN A 46 -32.62 -34.40 14.41
C ASN A 46 -32.62 -35.85 14.87
N LYS A 47 -31.46 -36.39 15.25
CA LYS A 47 -31.41 -37.76 15.76
C LYS A 47 -32.00 -37.84 17.16
N THR A 48 -31.98 -36.73 17.90
CA THR A 48 -32.55 -36.75 19.25
C THR A 48 -34.07 -36.75 19.20
N GLN A 49 -34.66 -36.13 18.16
CA GLN A 49 -36.11 -36.18 17.98
C GLN A 49 -36.61 -37.57 17.63
N GLN A 50 -35.74 -38.42 17.08
CA GLN A 50 -36.10 -39.83 16.92
C GLN A 50 -35.95 -40.60 18.22
N LEU A 51 -34.91 -40.30 19.00
CA LEU A 51 -34.65 -41.02 20.23
C LEU A 51 -35.54 -40.59 21.38
N ILE A 52 -36.04 -39.36 21.36
CA ILE A 52 -37.15 -39.00 22.25
C ILE A 52 -38.41 -39.76 21.84
N LYS A 53 -38.68 -39.82 20.53
CA LYS A 53 -39.83 -40.57 20.03
C LYS A 53 -39.63 -42.08 20.15
N LYS A 54 -38.40 -42.54 20.34
CA LYS A 54 -38.17 -43.95 20.64
C LYS A 54 -38.70 -44.30 22.03
N SER A 55 -38.17 -43.63 23.06
CA SER A 55 -38.55 -43.93 24.43
C SER A 55 -39.80 -43.19 24.89
N ALA A 56 -40.51 -42.51 23.99
CA ALA A 56 -41.82 -41.99 24.33
C ALA A 56 -42.83 -43.11 24.49
N LYS A 57 -42.70 -44.18 23.70
CA LYS A 57 -43.58 -45.34 23.82
C LYS A 57 -43.00 -46.41 24.72
N LYS A 58 -41.69 -46.40 24.96
CA LYS A 58 -41.09 -47.28 25.97
C LYS A 58 -41.52 -46.89 27.37
N ASN A 59 -41.75 -45.58 27.59
CA ASN A 59 -42.18 -45.00 28.87
C ASN A 59 -41.19 -45.31 30.00
N ASP A 60 -39.91 -45.13 29.72
CA ASP A 60 -38.85 -45.30 30.70
C ASP A 60 -38.38 -43.92 31.14
N VAL A 61 -38.57 -43.61 32.42
CA VAL A 61 -38.08 -42.35 32.97
C VAL A 61 -36.56 -42.36 33.04
N ARG A 62 -35.96 -43.54 33.23
CA ARG A 62 -34.51 -43.67 33.25
C ARG A 62 -33.90 -43.67 31.85
N THR A 63 -34.70 -43.51 30.80
CA THR A 63 -34.16 -43.34 29.46
C THR A 63 -34.37 -41.91 28.95
N VAL A 64 -35.58 -41.36 29.14
CA VAL A 64 -35.91 -40.06 28.58
C VAL A 64 -35.15 -38.94 29.29
N ARG A 65 -35.05 -39.01 30.62
CA ARG A 65 -34.32 -37.97 31.34
C ARG A 65 -32.81 -38.10 31.19
N LEU A 66 -32.32 -39.22 30.66
CA LEU A 66 -30.93 -39.27 30.22
C LEU A 66 -30.74 -38.55 28.89
N TYR A 67 -31.78 -38.50 28.05
CA TYR A 67 -31.72 -37.64 26.88
C TYR A 67 -31.95 -36.18 27.22
N ALA A 68 -32.64 -35.90 28.34
CA ALA A 68 -32.89 -34.53 28.76
C ALA A 68 -31.63 -33.85 29.27
N LYS A 69 -30.59 -34.62 29.62
CA LYS A 69 -29.32 -34.03 29.99
C LYS A 69 -28.52 -33.62 28.75
N GLU A 70 -28.70 -34.33 27.65
CA GLU A 70 -27.93 -34.04 26.45
C GLU A 70 -28.69 -33.19 25.44
N LEU A 71 -30.03 -33.22 25.46
CA LEU A 71 -30.78 -32.30 24.61
C LEU A 71 -30.63 -30.86 25.08
N TYR A 72 -30.47 -30.66 26.40
CA TYR A 72 -30.24 -29.32 26.91
C TYR A 72 -28.87 -28.79 26.52
N GLN A 73 -27.87 -29.66 26.49
CA GLN A 73 -26.52 -29.22 26.15
C GLN A 73 -26.35 -28.94 24.67
N ILE A 74 -27.27 -29.40 23.83
CA ILE A 74 -27.18 -29.09 22.41
C ILE A 74 -27.98 -27.82 22.11
N ASN A 75 -29.17 -27.67 22.69
CA ASN A 75 -29.97 -26.47 22.44
C ASN A 75 -29.39 -25.25 23.15
N LYS A 76 -28.62 -25.44 24.23
CA LYS A 76 -27.83 -24.33 24.74
C LYS A 76 -26.68 -24.01 23.81
N GLN A 77 -26.14 -25.04 23.15
CA GLN A 77 -25.09 -24.81 22.16
C GLN A 77 -25.67 -24.29 20.85
N TYR A 78 -26.89 -24.70 20.50
CA TYR A 78 -27.49 -24.24 19.25
C TYR A 78 -27.86 -22.77 19.31
N ASP A 79 -28.39 -22.32 20.45
CA ASP A 79 -28.90 -20.95 20.53
C ASP A 79 -27.79 -19.93 20.63
N ARG A 80 -26.58 -20.33 21.04
CA ARG A 80 -25.45 -19.42 20.97
C ARG A 80 -24.76 -19.42 19.61
N MET A 81 -24.92 -20.49 18.84
CA MET A 81 -24.39 -20.51 17.48
C MET A 81 -25.36 -19.93 16.48
N TYR A 82 -26.67 -20.07 16.71
CA TYR A 82 -27.64 -19.37 15.88
C TYR A 82 -27.58 -17.87 16.10
N THR A 83 -27.25 -17.44 17.32
CA THR A 83 -27.07 -16.03 17.58
C THR A 83 -25.84 -15.50 16.85
N SER A 84 -24.75 -16.28 16.85
CA SER A 84 -23.49 -15.90 16.22
C SER A 84 -23.61 -15.69 14.71
N ARG A 85 -24.56 -16.36 14.06
CA ARG A 85 -24.77 -16.12 12.64
C ARG A 85 -25.39 -14.74 12.42
N ALA A 86 -26.21 -14.29 13.35
CA ALA A 86 -26.71 -12.92 13.30
C ALA A 86 -25.68 -11.93 13.82
N GLN A 87 -24.70 -12.39 14.59
CA GLN A 87 -23.66 -11.51 15.08
C GLN A 87 -22.68 -11.14 13.97
N LEU A 88 -22.22 -12.14 13.21
CA LEU A 88 -21.31 -11.87 12.09
C LEU A 88 -21.99 -11.09 10.98
N ASP A 89 -23.24 -11.42 10.67
CA ASP A 89 -23.91 -10.75 9.56
C ASP A 89 -24.27 -9.32 9.88
N SER A 90 -24.29 -8.94 11.15
CA SER A 90 -24.42 -7.53 11.46
C SER A 90 -23.08 -6.82 11.30
N VAL A 91 -21.98 -7.52 11.60
CA VAL A 91 -20.66 -6.92 11.45
C VAL A 91 -20.25 -6.89 9.99
N ARG A 92 -20.48 -7.99 9.26
CA ARG A 92 -20.01 -8.07 7.88
C ARG A 92 -20.80 -7.16 6.95
N MET A 93 -22.02 -6.77 7.35
CA MET A 93 -22.73 -5.76 6.56
C MET A 93 -22.24 -4.35 6.85
N LYS A 94 -21.97 -4.03 8.12
CA LYS A 94 -21.43 -2.72 8.45
C LYS A 94 -20.00 -2.54 7.97
N ILE A 95 -19.19 -3.60 8.01
CA ILE A 95 -17.81 -3.47 7.59
C ILE A 95 -17.69 -3.53 6.08
N ASP A 96 -18.73 -3.98 5.37
CA ASP A 96 -18.76 -3.80 3.93
C ASP A 96 -19.26 -2.41 3.55
N GLU A 97 -20.08 -1.80 4.39
CA GLU A 97 -20.45 -0.41 4.17
C GLU A 97 -19.26 0.51 4.39
N ALA A 98 -18.35 0.14 5.29
CA ALA A 98 -17.14 0.92 5.50
C ALA A 98 -16.19 0.79 4.33
N ILE A 99 -16.21 -0.35 3.65
CA ILE A 99 -15.29 -0.56 2.53
C ILE A 99 -15.71 0.28 1.34
N ARG A 100 -17.01 0.34 1.05
CA ARG A 100 -17.45 1.19 -0.05
C ARG A 100 -17.27 2.68 0.27
N MET A 101 -18.24 3.29 0.94
CA MET A 101 -18.20 4.58 1.65
C MET A 101 -17.73 5.81 0.86
N ASN A 102 -16.82 5.64 -0.10
CA ASN A 102 -16.43 6.63 -1.10
C ASN A 102 -15.84 5.82 -2.24
N THR A 103 -16.68 5.45 -3.18
CA THR A 103 -16.27 4.71 -4.34
C THR A 103 -16.86 5.41 -5.55
N LEU A 104 -16.40 4.99 -6.72
CA LEU A 104 -17.11 5.44 -7.91
C LEU A 104 -18.43 4.70 -8.04
N SER A 105 -18.50 3.49 -7.49
CA SER A 105 -19.72 2.70 -7.53
C SER A 105 -20.84 3.34 -6.73
N ASN A 106 -20.51 3.93 -5.58
CA ASN A 106 -21.50 4.72 -4.87
C ASN A 106 -21.70 6.08 -5.51
N GLN A 107 -20.69 6.61 -6.18
CA GLN A 107 -20.83 7.93 -6.77
C GLN A 107 -21.79 7.90 -7.96
N MET A 108 -21.77 6.82 -8.73
CA MET A 108 -22.75 6.72 -9.81
C MET A 108 -24.13 6.34 -9.29
N ALA A 109 -24.20 5.47 -8.29
CA ALA A 109 -25.49 5.01 -7.79
C ALA A 109 -26.21 6.09 -7.00
N ASP A 110 -25.50 6.78 -6.11
CA ASP A 110 -26.14 7.79 -5.28
C ASP A 110 -26.39 9.09 -6.01
N SER A 111 -25.84 9.27 -7.21
CA SER A 111 -26.10 10.49 -7.97
C SER A 111 -27.11 10.31 -9.07
N ALA A 112 -27.16 9.13 -9.70
CA ALA A 112 -28.19 8.90 -10.70
C ALA A 112 -29.56 8.81 -10.05
N GLY A 113 -29.61 8.35 -8.81
CA GLY A 113 -30.83 8.45 -8.04
C GLY A 113 -31.10 9.84 -7.52
N LEU A 114 -30.10 10.71 -7.54
CA LEU A 114 -30.28 12.08 -7.12
C LEU A 114 -30.68 12.97 -8.27
N MET A 115 -30.25 12.64 -9.48
CA MET A 115 -30.67 13.38 -10.66
C MET A 115 -32.11 13.08 -11.05
N ARG A 116 -32.63 11.90 -10.69
CA ARG A 116 -34.05 11.66 -10.87
C ARG A 116 -34.88 12.54 -9.96
N GLU A 117 -34.37 12.82 -8.77
CA GLU A 117 -35.11 13.61 -7.79
C GLU A 117 -35.06 15.09 -8.11
N VAL A 118 -34.01 15.53 -8.80
CA VAL A 118 -33.96 16.92 -9.26
C VAL A 118 -34.83 17.08 -10.50
N ASN A 119 -34.87 16.06 -11.36
CA ASN A 119 -35.70 16.09 -12.56
C ASN A 119 -37.18 16.15 -12.23
N SER A 120 -37.56 15.59 -11.07
CA SER A 120 -38.94 15.72 -10.63
C SER A 120 -39.24 17.12 -10.11
N LEU A 121 -38.24 17.81 -9.57
CA LEU A 121 -38.46 19.09 -8.93
C LEU A 121 -38.34 20.27 -9.89
N VAL A 122 -37.53 20.14 -10.94
CA VAL A 122 -37.39 21.25 -11.89
C VAL A 122 -38.59 21.37 -12.81
N ARG A 123 -39.43 20.34 -12.91
CA ARG A 123 -40.58 20.37 -13.79
C ARG A 123 -41.83 20.88 -13.11
N LEU A 124 -41.75 21.28 -11.86
CA LEU A 124 -42.90 21.82 -11.16
C LEU A 124 -43.19 23.22 -11.68
N PRO A 125 -44.44 23.54 -12.02
CA PRO A 125 -44.71 24.76 -12.79
C PRO A 125 -44.61 26.04 -11.99
N GLN A 126 -44.55 25.95 -10.67
CA GLN A 126 -44.43 27.17 -9.85
C GLN A 126 -43.06 27.79 -9.98
N LEU A 127 -42.03 26.98 -10.22
CA LEU A 127 -40.66 27.45 -10.35
C LEU A 127 -40.20 27.53 -11.79
N ARG A 128 -41.12 27.70 -12.74
CA ARG A 128 -40.71 27.83 -14.13
C ARG A 128 -40.02 29.17 -14.37
N ASN A 129 -40.46 30.20 -13.65
CA ASN A 129 -39.86 31.53 -13.78
C ASN A 129 -38.41 31.55 -13.32
N THR A 130 -38.02 30.64 -12.43
CA THR A 130 -36.61 30.44 -12.14
C THR A 130 -35.90 29.81 -13.33
N MET A 131 -36.54 28.86 -13.99
CA MET A 131 -35.90 28.11 -15.06
C MET A 131 -35.74 28.92 -16.34
N ILE A 132 -36.43 30.04 -16.49
CA ILE A 132 -36.06 30.98 -17.55
C ILE A 132 -34.72 31.64 -17.22
N GLU A 133 -34.58 32.14 -16.00
CA GLU A 133 -33.35 32.82 -15.61
C GLU A 133 -32.19 31.84 -15.46
N LEU A 134 -32.49 30.61 -15.07
CA LEU A 134 -31.43 29.62 -14.87
C LEU A 134 -30.90 29.13 -16.21
N GLU A 135 -31.77 28.90 -17.19
CA GLU A 135 -31.34 28.48 -18.52
C GLU A 135 -30.55 29.58 -19.23
N LYS A 136 -30.85 30.84 -18.92
CA LYS A 136 -30.18 31.94 -19.57
C LYS A 136 -28.76 32.12 -19.06
N GLU A 137 -28.43 31.56 -17.90
CA GLU A 137 -27.14 31.78 -17.27
C GLU A 137 -26.17 30.61 -17.36
N LEU A 138 -26.64 29.37 -17.32
CA LEU A 138 -25.74 28.25 -17.11
C LEU A 138 -24.95 27.91 -18.38
N MET A 139 -23.77 27.35 -18.16
CA MET A 139 -22.98 26.74 -19.22
C MET A 139 -23.73 25.53 -19.76
N LYS A 140 -23.56 25.25 -21.05
CA LYS A 140 -24.25 24.11 -21.66
C LYS A 140 -23.53 22.83 -21.25
N SER A 141 -23.87 22.38 -20.06
CA SER A 141 -23.13 21.38 -19.30
C SER A 141 -23.70 20.00 -19.57
N GLY A 142 -23.46 19.07 -18.65
CA GLY A 142 -24.07 17.78 -18.69
C GLY A 142 -25.46 17.80 -18.07
N ILE A 143 -25.68 17.02 -17.00
CA ILE A 143 -27.01 16.61 -16.58
C ILE A 143 -27.87 17.80 -16.17
N ILE A 144 -27.31 18.72 -15.38
CA ILE A 144 -28.11 19.79 -14.78
C ILE A 144 -28.59 20.77 -15.84
N SER A 145 -27.70 21.23 -16.70
CA SER A 145 -28.11 22.18 -17.72
C SER A 145 -28.80 21.48 -18.88
N GLU A 146 -28.88 20.15 -18.85
CA GLU A 146 -29.69 19.46 -19.84
C GLU A 146 -31.11 19.28 -19.32
N MET A 147 -31.29 19.36 -18.00
CA MET A 147 -32.62 19.25 -17.42
C MET A 147 -33.33 20.59 -17.41
N VAL A 148 -32.59 21.69 -17.29
CA VAL A 148 -33.23 22.98 -17.12
C VAL A 148 -33.61 23.58 -18.46
N ASP A 149 -33.24 22.92 -19.55
CA ASP A 149 -33.75 23.35 -20.84
C ASP A 149 -34.58 22.25 -21.51
N ASP A 150 -34.60 21.05 -20.94
CA ASP A 150 -35.62 20.07 -21.29
C ASP A 150 -36.92 20.34 -20.56
N THR A 151 -36.92 21.27 -19.61
CA THR A 151 -38.16 21.78 -19.05
C THR A 151 -38.64 23.03 -19.78
N MET A 152 -37.98 23.41 -20.87
CA MET A 152 -38.43 24.55 -21.67
C MET A 152 -39.41 24.14 -22.76
N GLU A 153 -39.75 22.86 -22.86
CA GLU A 153 -40.74 22.41 -23.84
C GLU A 153 -42.16 22.47 -23.30
N SER A 154 -42.50 23.57 -22.64
CA SER A 154 -43.84 23.76 -22.07
C SER A 154 -44.03 25.22 -21.75
N VAL A 155 -45.29 25.65 -21.60
CA VAL A 155 -45.59 27.02 -21.22
C VAL A 155 -46.88 26.99 -20.41
N GLY A 156 -47.13 28.02 -19.61
CA GLY A 156 -48.30 28.03 -18.75
C GLY A 156 -49.20 29.19 -19.09
N ASP A 157 -50.46 29.07 -18.65
CA ASP A 157 -51.46 30.09 -18.91
C ASP A 157 -52.49 30.02 -17.79
N VAL A 158 -53.29 31.08 -17.67
CA VAL A 158 -54.35 31.18 -16.66
C VAL A 158 -55.43 30.13 -16.94
N GLY A 159 -56.14 29.73 -15.89
CA GLY A 159 -57.11 28.66 -16.03
C GLY A 159 -58.52 29.03 -15.61
N GLU A 160 -59.25 28.06 -15.07
CA GLU A 160 -60.64 28.25 -14.68
C GLU A 160 -60.68 28.85 -13.28
N GLU A 161 -60.95 30.15 -13.21
CA GLU A 161 -61.05 30.85 -11.93
C GLU A 161 -62.35 30.50 -11.23
N MET A 162 -62.37 30.73 -9.92
CA MET A 162 -63.57 30.49 -9.13
C MET A 162 -64.54 31.66 -9.28
N ASP A 163 -65.77 31.34 -9.69
CA ASP A 163 -66.83 32.33 -9.77
C ASP A 163 -67.68 32.40 -8.51
N GLU A 164 -67.54 31.43 -7.60
CA GLU A 164 -68.28 31.39 -6.36
C GLU A 164 -67.47 31.88 -5.17
N ALA A 165 -66.37 32.58 -5.41
CA ALA A 165 -65.50 33.00 -4.32
C ALA A 165 -65.85 34.38 -3.77
N VAL A 166 -66.30 35.30 -4.63
CA VAL A 166 -66.55 36.67 -4.22
C VAL A 166 -67.78 36.75 -3.30
N ASP A 167 -68.87 36.08 -3.71
CA ASP A 167 -70.05 36.04 -2.86
C ASP A 167 -69.82 35.21 -1.60
N GLU A 168 -68.92 34.23 -1.65
CA GLU A 168 -68.58 33.50 -0.44
C GLU A 168 -67.76 34.34 0.52
N GLU A 169 -66.90 35.22 -0.02
CA GLU A 169 -66.10 36.10 0.84
C GLU A 169 -66.97 37.19 1.45
N VAL A 170 -67.95 37.70 0.71
CA VAL A 170 -68.87 38.66 1.33
C VAL A 170 -69.87 37.94 2.23
N ASN A 171 -70.04 36.62 2.06
CA ASN A 171 -70.85 35.85 2.99
C ASN A 171 -70.14 35.64 4.32
N LYS A 172 -68.82 35.36 4.29
CA LYS A 172 -68.14 35.07 5.55
C LYS A 172 -67.84 36.33 6.35
N ILE A 173 -67.71 37.48 5.70
CA ILE A 173 -67.36 38.72 6.39
C ILE A 173 -67.84 39.93 5.60
N MET B 4 -10.12 13.43 -13.55
CA MET B 4 -9.85 12.70 -12.32
C MET B 4 -11.15 12.24 -11.68
N ASP B 5 -12.18 13.08 -11.81
CA ASP B 5 -13.53 12.76 -11.31
C ASP B 5 -14.50 13.07 -12.45
N TYR B 6 -15.08 12.03 -13.02
CA TYR B 6 -15.84 12.14 -14.26
C TYR B 6 -17.33 12.28 -14.03
N ILE B 7 -17.85 11.68 -12.96
CA ILE B 7 -19.27 11.83 -12.64
C ILE B 7 -19.57 13.26 -12.25
N LYS B 8 -18.63 13.92 -11.57
CA LYS B 8 -18.80 15.31 -11.18
C LYS B 8 -18.82 16.23 -12.38
N LYS B 9 -18.09 15.87 -13.44
CA LYS B 9 -18.11 16.66 -14.66
C LYS B 9 -19.21 16.25 -15.61
N ALA B 10 -19.76 15.05 -15.46
CA ALA B 10 -20.89 14.67 -16.28
C ALA B 10 -22.15 15.36 -15.86
N ILE B 11 -22.20 15.82 -14.60
CA ILE B 11 -23.38 16.51 -14.07
C ILE B 11 -23.25 18.01 -14.25
N TRP B 12 -22.11 18.58 -13.91
CA TRP B 12 -21.94 20.01 -13.88
C TRP B 12 -21.17 20.54 -15.07
N GLY B 13 -20.68 19.69 -15.95
CA GLY B 13 -20.04 20.17 -17.15
C GLY B 13 -18.54 20.17 -17.04
N PRO B 14 -17.88 20.84 -18.00
CA PRO B 14 -16.42 20.73 -18.08
C PRO B 14 -15.69 21.46 -16.98
N ASP B 15 -16.31 22.45 -16.36
CA ASP B 15 -15.76 23.11 -15.18
C ASP B 15 -16.84 23.13 -14.11
N PRO B 16 -16.84 22.15 -13.20
CA PRO B 16 -17.95 22.05 -12.25
C PRO B 16 -17.97 23.13 -11.21
N LYS B 17 -16.82 23.63 -10.75
CA LYS B 17 -16.80 24.56 -9.63
C LYS B 17 -17.34 25.93 -9.99
N GLU B 18 -17.41 26.27 -11.27
CA GLU B 18 -18.03 27.53 -11.67
C GLU B 18 -19.45 27.33 -12.18
N GLN B 19 -19.83 26.11 -12.51
CA GLN B 19 -21.24 25.81 -12.74
C GLN B 19 -22.02 25.82 -11.43
N GLN B 20 -21.39 25.37 -10.35
CA GLN B 20 -22.06 25.29 -9.07
C GLN B 20 -22.32 26.67 -8.48
N ARG B 21 -21.36 27.58 -8.59
CA ARG B 21 -21.59 28.93 -8.09
C ARG B 21 -22.35 29.80 -9.07
N ARG B 22 -22.69 29.26 -10.23
CA ARG B 22 -23.54 29.95 -11.18
C ARG B 22 -25.01 29.63 -10.98
N ILE B 23 -25.31 28.43 -10.45
CA ILE B 23 -26.67 28.15 -10.00
C ILE B 23 -26.96 28.92 -8.72
N ARG B 24 -26.08 28.82 -7.73
CA ARG B 24 -26.35 29.40 -6.43
C ARG B 24 -26.30 30.93 -6.44
N SER B 25 -25.88 31.54 -7.54
CA SER B 25 -26.24 32.94 -7.77
C SER B 25 -27.69 33.06 -8.18
N VAL B 26 -28.09 32.34 -9.23
CA VAL B 26 -29.43 32.44 -9.80
C VAL B 26 -30.48 31.91 -8.84
N LEU B 27 -30.19 30.81 -8.17
CA LEU B 27 -31.15 30.16 -7.30
C LEU B 27 -31.29 30.88 -5.96
N ARG B 28 -30.54 31.95 -5.75
CA ARG B 28 -30.61 32.78 -4.56
C ARG B 28 -31.15 34.16 -4.86
N LYS B 29 -30.93 34.67 -6.08
CA LYS B 29 -31.66 35.86 -6.53
C LYS B 29 -33.15 35.61 -6.58
N ASN B 30 -33.56 34.46 -7.11
CA ASN B 30 -34.97 34.10 -7.10
C ASN B 30 -35.43 33.73 -5.70
N GLY B 31 -34.53 33.27 -4.84
CA GLY B 31 -34.88 33.01 -3.46
C GLY B 31 -35.16 34.27 -2.67
N ARG B 32 -34.62 35.40 -3.09
CA ARG B 32 -34.88 36.66 -2.42
C ARG B 32 -36.04 37.43 -3.03
N ASN B 33 -36.31 37.20 -4.32
CA ASN B 33 -37.47 37.86 -4.93
C ASN B 33 -38.77 37.23 -4.47
N ILE B 34 -38.75 35.98 -4.01
CA ILE B 34 -39.93 35.42 -3.38
C ILE B 34 -40.12 36.04 -1.99
N GLU B 35 -39.04 36.11 -1.21
CA GLU B 35 -39.12 36.67 0.14
C GLU B 35 -39.41 38.15 0.13
N LYS B 36 -39.05 38.86 -0.95
CA LYS B 36 -39.48 40.24 -1.10
C LYS B 36 -40.96 40.29 -1.43
N SER B 37 -41.40 39.49 -2.41
CA SER B 37 -42.79 39.51 -2.85
C SER B 37 -43.74 38.78 -1.92
N LEU B 38 -43.26 38.24 -0.81
CA LEU B 38 -44.14 37.91 0.30
C LEU B 38 -44.05 38.92 1.43
N ARG B 39 -42.98 39.70 1.47
CA ARG B 39 -42.91 40.80 2.42
C ARG B 39 -43.79 41.97 1.99
N GLU B 40 -43.75 42.33 0.71
CA GLU B 40 -44.52 43.45 0.23
C GLU B 40 -45.95 43.08 -0.15
N LEU B 41 -46.29 41.80 -0.14
CA LEU B 41 -47.66 41.39 -0.41
C LEU B 41 -48.41 41.04 0.88
N THR B 42 -47.68 40.81 1.98
CA THR B 42 -48.34 40.64 3.27
C THR B 42 -48.94 41.97 3.75
N VAL B 43 -48.26 43.09 3.44
CA VAL B 43 -48.78 44.38 3.86
C VAL B 43 -50.01 44.80 3.05
N LEU B 44 -50.18 44.28 1.83
CA LEU B 44 -51.44 44.47 1.14
C LEU B 44 -52.53 43.58 1.72
N GLN B 45 -52.14 42.46 2.32
CA GLN B 45 -53.10 41.68 3.10
C GLN B 45 -53.38 42.32 4.44
N ASN B 46 -52.40 43.02 5.01
CA ASN B 46 -52.59 43.64 6.31
C ASN B 46 -53.42 44.90 6.23
N LYS B 47 -53.31 45.65 5.13
CA LYS B 47 -54.16 46.85 4.99
C LYS B 47 -55.60 46.46 4.68
N THR B 48 -55.80 45.33 3.99
CA THR B 48 -57.15 44.88 3.67
C THR B 48 -57.87 44.41 4.93
N GLN B 49 -57.14 43.83 5.89
CA GLN B 49 -57.70 43.52 7.20
C GLN B 49 -58.09 44.78 7.97
N GLN B 50 -57.51 45.94 7.61
CA GLN B 50 -57.99 47.21 8.14
C GLN B 50 -59.13 47.79 7.30
N LEU B 51 -59.25 47.35 6.05
CA LEU B 51 -60.30 47.87 5.18
C LEU B 51 -61.52 46.96 5.10
N ILE B 52 -61.37 45.67 5.40
CA ILE B 52 -62.54 44.81 5.60
C ILE B 52 -63.18 45.12 6.95
N LYS B 53 -62.36 45.29 7.99
CA LYS B 53 -62.89 45.63 9.31
C LYS B 53 -63.41 47.06 9.38
N LYS B 54 -63.04 47.91 8.42
CA LYS B 54 -63.61 49.26 8.35
C LYS B 54 -65.06 49.19 7.92
N SER B 55 -65.32 48.62 6.74
CA SER B 55 -66.66 48.60 6.19
C SER B 55 -67.50 47.44 6.71
N ALA B 56 -67.00 46.67 7.68
CA ALA B 56 -67.85 45.71 8.37
C ALA B 56 -68.75 46.40 9.38
N LYS B 57 -68.27 47.47 10.02
CA LYS B 57 -69.11 48.27 10.89
C LYS B 57 -69.85 49.38 10.14
N LYS B 58 -69.34 49.79 8.98
CA LYS B 58 -70.06 50.73 8.13
C LYS B 58 -71.27 50.08 7.47
N ASN B 59 -71.21 48.75 7.27
CA ASN B 59 -72.27 47.95 6.65
C ASN B 59 -72.62 48.44 5.26
N ASP B 60 -71.60 48.84 4.50
CA ASP B 60 -71.78 49.32 3.14
C ASP B 60 -71.63 48.14 2.19
N VAL B 61 -72.67 47.89 1.40
CA VAL B 61 -72.65 46.78 0.45
C VAL B 61 -71.71 47.10 -0.72
N ARG B 62 -71.72 48.34 -1.19
CA ARG B 62 -70.88 48.74 -2.32
C ARG B 62 -69.41 48.87 -1.94
N THR B 63 -69.07 48.81 -0.65
CA THR B 63 -67.67 48.88 -0.28
C THR B 63 -67.08 47.49 -0.06
N VAL B 64 -67.81 46.61 0.63
CA VAL B 64 -67.28 45.27 0.93
C VAL B 64 -67.20 44.44 -0.34
N ARG B 65 -68.20 44.52 -1.21
CA ARG B 65 -68.18 43.76 -2.46
C ARG B 65 -67.19 44.30 -3.47
N LEU B 66 -66.66 45.51 -3.26
CA LEU B 66 -65.55 45.99 -4.07
C LEU B 66 -64.20 45.54 -3.51
N TYR B 67 -64.08 45.43 -2.18
CA TYR B 67 -62.90 44.78 -1.62
C TYR B 67 -62.95 43.27 -1.76
N ALA B 68 -64.13 42.70 -2.01
CA ALA B 68 -64.25 41.25 -2.18
C ALA B 68 -63.62 40.76 -3.48
N LYS B 69 -63.42 41.65 -4.44
CA LYS B 69 -62.77 41.26 -5.69
C LYS B 69 -61.25 41.22 -5.52
N GLU B 70 -60.68 42.22 -4.84
CA GLU B 70 -59.23 42.31 -4.72
C GLU B 70 -58.68 41.45 -3.59
N LEU B 71 -59.52 41.06 -2.62
CA LEU B 71 -59.05 40.16 -1.57
C LEU B 71 -58.83 38.75 -2.12
N TYR B 72 -59.62 38.34 -3.10
CA TYR B 72 -59.44 37.00 -3.67
C TYR B 72 -58.28 36.97 -4.65
N GLN B 73 -58.13 38.02 -5.47
CA GLN B 73 -57.09 38.02 -6.49
C GLN B 73 -55.70 38.16 -5.90
N ILE B 74 -55.57 38.69 -4.69
CA ILE B 74 -54.26 38.73 -4.04
C ILE B 74 -54.01 37.44 -3.27
N ASN B 75 -55.05 36.87 -2.65
CA ASN B 75 -54.88 35.58 -2.00
C ASN B 75 -54.70 34.45 -2.99
N LYS B 76 -55.22 34.60 -4.21
CA LYS B 76 -54.85 33.68 -5.29
C LYS B 76 -53.41 33.90 -5.71
N GLN B 77 -52.94 35.15 -5.65
CA GLN B 77 -51.54 35.44 -5.91
C GLN B 77 -50.66 34.98 -4.75
N TYR B 78 -51.16 35.09 -3.51
CA TYR B 78 -50.38 34.70 -2.34
C TYR B 78 -50.16 33.20 -2.29
N ASP B 79 -51.18 32.41 -2.63
CA ASP B 79 -51.10 30.97 -2.44
C ASP B 79 -50.17 30.30 -3.44
N ARG B 80 -49.86 30.94 -4.56
CA ARG B 80 -48.86 30.39 -5.46
C ARG B 80 -47.46 30.95 -5.18
N MET B 81 -47.35 32.14 -4.61
CA MET B 81 -46.06 32.67 -4.21
C MET B 81 -45.60 32.11 -2.87
N TYR B 82 -46.55 31.75 -2.00
CA TYR B 82 -46.18 31.00 -0.80
C TYR B 82 -45.75 29.59 -1.15
N THR B 83 -46.36 29.00 -2.17
CA THR B 83 -45.96 27.68 -2.62
C THR B 83 -44.57 27.72 -3.23
N SER B 84 -44.30 28.73 -4.05
CA SER B 84 -43.01 28.87 -4.74
C SER B 84 -41.85 29.08 -3.78
N ARG B 85 -42.11 29.56 -2.56
CA ARG B 85 -41.05 29.62 -1.56
C ARG B 85 -40.67 28.22 -1.11
N ALA B 86 -41.65 27.34 -0.98
CA ALA B 86 -41.37 25.95 -0.64
C ALA B 86 -40.93 25.14 -1.86
N GLN B 87 -41.11 25.68 -3.06
CA GLN B 87 -40.64 25.01 -4.27
C GLN B 87 -39.13 25.16 -4.42
N LEU B 88 -38.61 26.39 -4.27
CA LEU B 88 -37.18 26.61 -4.37
C LEU B 88 -36.42 25.93 -3.25
N ASP B 89 -36.98 25.94 -2.04
CA ASP B 89 -36.29 25.32 -0.92
C ASP B 89 -36.25 23.82 -1.03
N SER B 90 -37.12 23.21 -1.82
CA SER B 90 -36.95 21.81 -2.13
C SER B 90 -35.88 21.61 -3.20
N VAL B 91 -35.74 22.57 -4.12
CA VAL B 91 -34.74 22.46 -5.16
C VAL B 91 -33.36 22.82 -4.62
N ARG B 92 -33.27 23.89 -3.83
CA ARG B 92 -31.97 24.35 -3.35
C ARG B 92 -31.39 23.40 -2.31
N MET B 93 -32.23 22.63 -1.62
CA MET B 93 -31.69 21.64 -0.70
C MET B 93 -31.26 20.37 -1.42
N LYS B 94 -31.97 19.96 -2.46
CA LYS B 94 -31.54 18.81 -3.23
C LYS B 94 -30.35 19.11 -4.11
N ILE B 95 -30.10 20.39 -4.41
CA ILE B 95 -28.98 20.71 -5.27
C ILE B 95 -27.76 21.14 -4.44
N ASP B 96 -27.94 21.48 -3.17
CA ASP B 96 -26.78 21.56 -2.28
C ASP B 96 -26.31 20.19 -1.86
N GLU B 97 -27.20 19.21 -1.84
CA GLU B 97 -26.78 17.85 -1.57
C GLU B 97 -26.00 17.29 -2.75
N ALA B 98 -26.31 17.72 -3.97
CA ALA B 98 -25.54 17.29 -5.13
C ALA B 98 -24.18 17.95 -5.17
N ILE B 99 -24.07 19.17 -4.67
CA ILE B 99 -22.81 19.89 -4.70
C ILE B 99 -21.82 19.27 -3.72
N ARG B 100 -22.28 18.92 -2.52
CA ARG B 100 -21.37 18.25 -1.59
C ARG B 100 -20.96 16.86 -2.05
N MET B 101 -21.78 15.85 -1.78
CA MET B 101 -21.83 14.50 -2.36
C MET B 101 -20.54 13.67 -2.34
N ASN B 102 -19.38 14.31 -2.40
CA ASN B 102 -18.06 13.71 -2.17
C ASN B 102 -17.20 14.88 -1.70
N THR B 103 -17.19 15.10 -0.40
CA THR B 103 -16.37 16.11 0.21
C THR B 103 -15.60 15.43 1.32
N LEU B 104 -14.52 16.04 1.76
CA LEU B 104 -13.84 15.49 2.92
C LEU B 104 -14.64 15.75 4.18
N SER B 105 -15.46 16.82 4.18
CA SER B 105 -16.29 17.13 5.33
C SER B 105 -17.35 16.07 5.56
N ASN B 106 -18.00 15.63 4.49
CA ASN B 106 -18.93 14.51 4.61
C ASN B 106 -18.21 13.18 4.75
N GLN B 107 -16.96 13.10 4.34
CA GLN B 107 -16.24 11.84 4.48
C GLN B 107 -15.84 11.61 5.92
N MET B 108 -15.44 12.66 6.63
CA MET B 108 -15.09 12.49 8.03
C MET B 108 -16.33 12.38 8.91
N ALA B 109 -17.39 13.11 8.58
CA ALA B 109 -18.59 13.09 9.41
C ALA B 109 -19.34 11.76 9.27
N ASP B 110 -19.31 11.15 8.09
CA ASP B 110 -20.01 9.89 7.89
C ASP B 110 -19.14 8.68 8.22
N SER B 111 -17.84 8.86 8.40
CA SER B 111 -16.99 7.77 8.82
C SER B 111 -16.86 7.64 10.32
N ALA B 112 -16.75 8.76 11.04
CA ALA B 112 -16.69 8.69 12.49
C ALA B 112 -18.03 8.29 13.06
N GLY B 113 -19.12 8.61 12.38
CA GLY B 113 -20.41 8.07 12.77
C GLY B 113 -20.56 6.60 12.44
N LEU B 114 -19.72 6.07 11.56
CA LEU B 114 -19.75 4.66 11.22
C LEU B 114 -18.79 3.85 12.07
N MET B 115 -17.66 4.43 12.44
CA MET B 115 -16.72 3.72 13.30
C MET B 115 -17.26 3.52 14.71
N ARG B 116 -18.16 4.39 15.17
CA ARG B 116 -18.86 4.11 16.42
C ARG B 116 -19.79 2.92 16.27
N GLU B 117 -20.41 2.76 15.10
CA GLU B 117 -21.32 1.65 14.88
C GLU B 117 -20.58 0.34 14.69
N VAL B 118 -19.33 0.38 14.27
CA VAL B 118 -18.52 -0.84 14.22
C VAL B 118 -17.97 -1.16 15.59
N ASN B 119 -17.62 -0.14 16.37
CA ASN B 119 -17.11 -0.34 17.72
C ASN B 119 -18.15 -0.93 18.64
N SER B 120 -19.43 -0.66 18.40
CA SER B 120 -20.47 -1.26 19.21
C SER B 120 -20.64 -2.74 18.90
N LEU B 121 -20.34 -3.15 17.68
CA LEU B 121 -20.62 -4.52 17.25
C LEU B 121 -19.47 -5.47 17.48
N VAL B 122 -18.22 -4.98 17.45
CA VAL B 122 -17.08 -5.88 17.59
C VAL B 122 -16.87 -6.36 19.02
N ARG B 123 -17.52 -5.74 20.00
CA ARG B 123 -17.37 -6.12 21.39
C ARG B 123 -18.42 -7.11 21.86
N LEU B 124 -19.30 -7.54 20.97
CA LEU B 124 -20.36 -8.47 21.33
C LEU B 124 -19.76 -9.86 21.57
N PRO B 125 -20.23 -10.60 22.58
CA PRO B 125 -19.45 -11.74 23.07
C PRO B 125 -19.49 -12.97 22.19
N GLN B 126 -20.51 -13.13 21.35
CA GLN B 126 -20.60 -14.35 20.56
C GLN B 126 -19.62 -14.36 19.41
N LEU B 127 -19.15 -13.19 18.98
CA LEU B 127 -18.12 -13.08 17.97
C LEU B 127 -16.74 -12.85 18.58
N ARG B 128 -16.53 -13.34 19.81
CA ARG B 128 -15.21 -13.27 20.42
C ARG B 128 -14.20 -14.11 19.66
N ASN B 129 -14.56 -15.35 19.32
CA ASN B 129 -13.61 -16.27 18.71
C ASN B 129 -13.27 -15.86 17.28
N THR B 130 -14.08 -15.01 16.66
CA THR B 130 -13.68 -14.35 15.43
C THR B 130 -12.54 -13.38 15.69
N MET B 131 -12.63 -12.60 16.77
CA MET B 131 -11.68 -11.53 17.02
C MET B 131 -10.30 -12.02 17.44
N ILE B 132 -10.19 -13.23 17.98
CA ILE B 132 -8.87 -13.83 18.19
C ILE B 132 -8.24 -14.15 16.84
N GLU B 133 -9.02 -14.75 15.94
CA GLU B 133 -8.53 -15.03 14.59
C GLU B 133 -8.29 -13.75 13.81
N LEU B 134 -9.12 -12.73 14.02
CA LEU B 134 -8.99 -11.51 13.25
C LEU B 134 -7.80 -10.67 13.70
N GLU B 135 -7.55 -10.62 15.01
CA GLU B 135 -6.36 -9.93 15.53
C GLU B 135 -5.08 -10.61 15.08
N LYS B 136 -5.11 -11.92 14.91
CA LYS B 136 -3.93 -12.67 14.54
C LYS B 136 -3.58 -12.48 13.06
N GLU B 137 -4.51 -11.97 12.26
CA GLU B 137 -4.31 -11.85 10.82
C GLU B 137 -4.06 -10.44 10.33
N LEU B 138 -4.63 -9.41 10.96
CA LEU B 138 -4.63 -8.08 10.35
C LEU B 138 -3.29 -7.37 10.54
N MET B 139 -3.03 -6.42 9.64
CA MET B 139 -1.95 -5.48 9.81
C MET B 139 -2.29 -4.55 10.97
N LYS B 140 -1.25 -3.99 11.60
CA LYS B 140 -1.47 -3.02 12.68
C LYS B 140 -1.76 -1.67 12.04
N SER B 141 -3.00 -1.53 11.60
CA SER B 141 -3.50 -0.43 10.80
C SER B 141 -4.08 0.66 11.70
N GLY B 142 -4.95 1.49 11.15
CA GLY B 142 -5.54 2.55 11.89
C GLY B 142 -6.75 2.10 12.68
N ILE B 143 -7.95 2.62 12.36
CA ILE B 143 -9.09 2.55 13.27
C ILE B 143 -9.54 1.11 13.48
N ILE B 144 -9.60 0.32 12.40
CA ILE B 144 -10.23 -0.99 12.46
C ILE B 144 -9.39 -1.97 13.26
N SER B 145 -8.09 -2.03 12.98
CA SER B 145 -7.23 -2.95 13.71
C SER B 145 -6.97 -2.48 15.13
N GLU B 146 -7.25 -1.21 15.41
CA GLU B 146 -7.10 -0.73 16.78
C GLU B 146 -8.34 -1.06 17.59
N MET B 147 -9.43 -1.43 16.92
CA MET B 147 -10.61 -1.87 17.64
C MET B 147 -10.58 -3.37 17.91
N VAL B 148 -10.02 -4.15 16.99
CA VAL B 148 -10.14 -5.60 17.10
C VAL B 148 -9.08 -6.16 18.03
N ASP B 149 -8.12 -5.33 18.43
CA ASP B 149 -7.18 -5.78 19.45
C ASP B 149 -7.49 -5.14 20.79
N ASP B 150 -8.31 -4.10 20.81
CA ASP B 150 -8.81 -3.52 22.04
C ASP B 150 -9.93 -4.36 22.65
N THR B 151 -10.52 -5.26 21.88
CA THR B 151 -11.60 -6.10 22.38
C THR B 151 -11.12 -7.41 22.98
N MET B 152 -9.89 -7.46 23.49
CA MET B 152 -9.38 -8.66 24.15
C MET B 152 -9.85 -8.77 25.60
N GLU B 153 -10.80 -7.93 26.02
CA GLU B 153 -11.28 -7.89 27.40
C GLU B 153 -12.45 -8.83 27.65
N SER B 154 -12.35 -10.08 27.20
CA SER B 154 -13.39 -11.08 27.41
C SER B 154 -12.86 -12.48 27.14
N VAL B 155 -13.20 -13.43 28.01
CA VAL B 155 -12.88 -14.83 27.77
C VAL B 155 -14.19 -15.61 27.93
N GLY B 156 -14.27 -16.78 27.31
CA GLY B 156 -15.50 -17.55 27.32
C GLY B 156 -15.50 -18.57 28.42
N ASP B 157 -16.52 -18.48 29.27
CA ASP B 157 -16.63 -19.36 30.42
C ASP B 157 -18.10 -19.60 30.72
N VAL B 158 -18.38 -20.76 31.32
CA VAL B 158 -19.74 -21.18 31.62
C VAL B 158 -20.31 -20.37 32.77
N GLY B 159 -21.61 -20.11 32.74
CA GLY B 159 -22.27 -19.33 33.78
C GLY B 159 -23.27 -20.13 34.59
N GLU B 160 -24.35 -19.49 35.02
CA GLU B 160 -25.39 -20.15 35.79
C GLU B 160 -26.38 -20.78 34.82
N GLU B 161 -26.30 -22.10 34.68
CA GLU B 161 -27.17 -22.83 33.76
C GLU B 161 -28.52 -23.13 34.41
N MET B 162 -29.47 -23.55 33.58
CA MET B 162 -30.81 -23.84 34.05
C MET B 162 -30.91 -25.29 34.49
N ASP B 163 -31.60 -25.51 35.62
CA ASP B 163 -31.90 -26.86 36.09
C ASP B 163 -33.38 -27.19 36.01
N GLU B 164 -34.25 -26.18 35.90
CA GLU B 164 -35.68 -26.38 35.84
C GLU B 164 -36.18 -26.70 34.44
N ALA B 165 -35.29 -26.67 33.44
CA ALA B 165 -35.66 -27.04 32.08
C ALA B 165 -35.27 -28.46 31.74
N VAL B 166 -34.38 -29.07 32.53
CA VAL B 166 -33.99 -30.46 32.31
C VAL B 166 -35.15 -31.39 32.61
N ASP B 167 -35.79 -31.20 33.77
CA ASP B 167 -36.99 -31.96 34.10
C ASP B 167 -38.23 -31.42 33.40
N GLU B 168 -38.10 -30.33 32.64
CA GLU B 168 -39.24 -29.82 31.89
C GLU B 168 -39.27 -30.40 30.48
N GLU B 169 -38.14 -30.94 30.01
CA GLU B 169 -38.14 -31.61 28.72
C GLU B 169 -38.88 -32.93 28.78
N VAL B 170 -38.71 -33.68 29.87
CA VAL B 170 -39.49 -34.89 30.08
C VAL B 170 -40.95 -34.55 30.40
N ASN B 171 -41.22 -33.35 30.90
CA ASN B 171 -42.58 -32.96 31.24
C ASN B 171 -43.38 -32.61 29.99
N LYS B 172 -42.73 -32.16 28.92
CA LYS B 172 -43.45 -31.81 27.71
C LYS B 172 -43.55 -32.98 26.74
N ILE B 173 -42.62 -33.93 26.80
CA ILE B 173 -42.56 -35.01 25.82
C ILE B 173 -41.83 -36.21 26.39
N MET C 4 4.27 1.01 -1.60
CA MET C 4 5.05 0.75 -0.39
C MET C 4 6.52 0.63 -0.75
N ASP C 5 6.80 -0.25 -1.71
CA ASP C 5 8.14 -0.44 -2.28
C ASP C 5 8.01 -0.14 -3.76
N TYR C 6 8.62 0.97 -4.19
CA TYR C 6 8.37 1.52 -5.50
C TYR C 6 9.38 1.08 -6.54
N ILE C 7 10.61 0.80 -6.14
CA ILE C 7 11.61 0.29 -7.07
C ILE C 7 11.22 -1.10 -7.55
N LYS C 8 10.66 -1.92 -6.67
CA LYS C 8 10.21 -3.25 -7.04
C LYS C 8 9.05 -3.20 -8.03
N LYS C 9 8.12 -2.27 -7.84
CA LYS C 9 7.02 -2.14 -8.77
C LYS C 9 7.41 -1.40 -10.04
N ALA C 10 8.52 -0.67 -10.03
CA ALA C 10 8.96 -0.03 -11.25
C ALA C 10 9.61 -1.03 -12.18
N ILE C 11 10.16 -2.11 -11.64
CA ILE C 11 10.79 -3.15 -12.43
C ILE C 11 9.79 -4.20 -12.88
N TRP C 12 8.95 -4.66 -11.96
CA TRP C 12 8.07 -5.79 -12.21
C TRP C 12 6.63 -5.37 -12.44
N GLY C 13 6.32 -4.08 -12.44
CA GLY C 13 4.99 -3.64 -12.74
C GLY C 13 4.11 -3.55 -11.51
N PRO C 14 2.80 -3.38 -11.73
CA PRO C 14 1.91 -3.09 -10.61
C PRO C 14 1.68 -4.25 -9.68
N ASP C 15 1.80 -5.48 -10.15
CA ASP C 15 1.74 -6.66 -9.28
C ASP C 15 3.04 -7.42 -9.46
N PRO C 16 4.03 -7.16 -8.60
CA PRO C 16 5.35 -7.75 -8.84
C PRO C 16 5.42 -9.23 -8.56
N LYS C 17 4.63 -9.75 -7.63
CA LYS C 17 4.76 -11.15 -7.24
C LYS C 17 4.30 -12.11 -8.32
N GLU C 18 3.37 -11.70 -9.17
CA GLU C 18 2.92 -12.56 -10.26
C GLU C 18 3.77 -12.37 -11.51
N GLN C 19 4.36 -11.19 -11.70
CA GLN C 19 5.30 -10.98 -12.79
C GLN C 19 6.57 -11.80 -12.57
N GLN C 20 6.98 -11.98 -11.32
CA GLN C 20 8.18 -12.75 -11.04
C GLN C 20 7.98 -14.24 -11.32
N ARG C 21 6.86 -14.80 -10.88
CA ARG C 21 6.63 -16.23 -11.12
C ARG C 21 6.23 -16.53 -12.55
N ARG C 22 5.84 -15.51 -13.32
CA ARG C 22 5.52 -15.71 -14.71
C ARG C 22 6.76 -15.79 -15.59
N ILE C 23 7.85 -15.14 -15.18
CA ILE C 23 9.12 -15.37 -15.86
C ILE C 23 9.68 -16.73 -15.52
N ARG C 24 9.73 -17.06 -14.23
CA ARG C 24 10.32 -18.32 -13.81
C ARG C 24 9.47 -19.53 -14.17
N SER C 25 8.25 -19.31 -14.67
CA SER C 25 7.57 -20.36 -15.44
C SER C 25 8.16 -20.46 -16.83
N VAL C 26 8.21 -19.34 -17.56
CA VAL C 26 8.64 -19.35 -18.96
C VAL C 26 10.13 -19.62 -19.07
N LEU C 27 10.94 -19.02 -18.22
CA LEU C 27 12.38 -19.14 -18.31
C LEU C 27 12.89 -20.49 -17.83
N ARG C 28 12.01 -21.33 -17.28
CA ARG C 28 12.35 -22.68 -16.85
C ARG C 28 11.88 -23.74 -17.83
N LYS C 29 10.75 -23.50 -18.51
CA LYS C 29 10.34 -24.38 -19.60
C LYS C 29 11.34 -24.34 -20.75
N ASN C 30 11.88 -23.15 -21.04
CA ASN C 30 12.96 -23.09 -22.02
C ASN C 30 14.23 -23.69 -21.48
N GLY C 31 14.47 -23.59 -20.17
CA GLY C 31 15.63 -24.23 -19.57
C GLY C 31 15.59 -25.73 -19.60
N ARG C 32 14.40 -26.32 -19.59
CA ARG C 32 14.27 -27.76 -19.71
C ARG C 32 14.32 -28.23 -21.16
N ASN C 33 13.85 -27.39 -22.09
CA ASN C 33 13.88 -27.79 -23.49
C ASN C 33 15.28 -27.73 -24.07
N ILE C 34 16.15 -26.88 -23.53
CA ILE C 34 17.55 -26.92 -23.92
C ILE C 34 18.20 -28.19 -23.39
N GLU C 35 17.91 -28.56 -22.14
CA GLU C 35 18.44 -29.80 -21.58
C GLU C 35 17.88 -31.02 -22.29
N LYS C 36 16.65 -30.94 -22.79
CA LYS C 36 16.09 -32.04 -23.57
C LYS C 36 16.76 -32.12 -24.94
N SER C 37 16.92 -30.97 -25.60
CA SER C 37 17.50 -30.95 -26.93
C SER C 37 19.02 -31.08 -26.95
N LEU C 38 19.67 -31.18 -25.79
CA LEU C 38 21.02 -31.69 -25.73
C LEU C 38 21.07 -33.13 -25.30
N ARG C 39 20.00 -33.63 -24.68
CA ARG C 39 19.94 -35.04 -24.32
C ARG C 39 19.61 -35.90 -25.54
N GLU C 40 18.63 -35.48 -26.34
CA GLU C 40 18.26 -36.24 -27.53
C GLU C 40 19.21 -36.01 -28.69
N LEU C 41 20.12 -35.06 -28.58
CA LEU C 41 21.07 -34.77 -29.65
C LEU C 41 22.47 -35.23 -29.31
N THR C 42 22.73 -35.58 -28.05
CA THR C 42 23.97 -36.27 -27.70
C THR C 42 23.98 -37.67 -28.29
N VAL C 43 22.84 -38.35 -28.28
CA VAL C 43 22.76 -39.70 -28.81
C VAL C 43 22.83 -39.73 -30.34
N LEU C 44 22.52 -38.61 -31.01
CA LEU C 44 22.78 -38.55 -32.45
C LEU C 44 24.26 -38.27 -32.71
N GLN C 45 24.95 -37.62 -31.77
CA GLN C 45 26.40 -37.58 -31.84
C GLN C 45 27.01 -38.93 -31.52
N ASN C 46 26.41 -39.67 -30.59
CA ASN C 46 26.98 -40.95 -30.17
C ASN C 46 26.75 -42.05 -31.21
N LYS C 47 25.63 -42.00 -31.93
CA LYS C 47 25.43 -42.99 -32.99
C LYS C 47 26.29 -42.67 -34.20
N THR C 48 26.64 -41.40 -34.39
CA THR C 48 27.48 -41.02 -35.51
C THR C 48 28.93 -41.43 -35.28
N GLN C 49 29.39 -41.39 -34.02
CA GLN C 49 30.71 -41.90 -33.67
C GLN C 49 30.83 -43.39 -33.89
N GLN C 50 29.72 -44.13 -33.81
CA GLN C 50 29.73 -45.54 -34.15
C GLN C 50 29.77 -45.76 -35.66
N LEU C 51 29.12 -44.89 -36.43
CA LEU C 51 29.02 -45.08 -37.87
C LEU C 51 30.22 -44.52 -38.62
N ILE C 52 30.94 -43.55 -38.06
CA ILE C 52 32.22 -43.16 -38.62
C ILE C 52 33.26 -44.23 -38.33
N LYS C 53 33.25 -44.79 -37.13
CA LYS C 53 34.12 -45.91 -36.79
C LYS C 53 33.72 -47.20 -37.49
N LYS C 54 32.47 -47.27 -37.97
CA LYS C 54 32.04 -48.43 -38.76
C LYS C 54 32.77 -48.46 -40.11
N SER C 55 32.63 -47.39 -40.89
CA SER C 55 33.20 -47.34 -42.23
C SER C 55 34.67 -46.92 -42.23
N ALA C 56 35.31 -46.82 -41.06
CA ALA C 56 36.74 -46.54 -41.02
C ALA C 56 37.54 -47.74 -41.50
N LYS C 57 37.10 -48.95 -41.17
CA LYS C 57 37.73 -50.16 -41.69
C LYS C 57 37.20 -50.53 -43.07
N LYS C 58 36.01 -50.08 -43.44
CA LYS C 58 35.48 -50.31 -44.78
C LYS C 58 36.25 -49.53 -45.83
N ASN C 59 36.78 -48.35 -45.44
CA ASN C 59 37.51 -47.42 -46.33
C ASN C 59 36.67 -47.04 -47.55
N ASP C 60 35.39 -46.78 -47.32
CA ASP C 60 34.45 -46.38 -48.35
C ASP C 60 34.33 -44.86 -48.33
N VAL C 61 34.72 -44.21 -49.43
CA VAL C 61 34.60 -42.77 -49.54
C VAL C 61 33.14 -42.37 -49.68
N ARG C 62 32.34 -43.21 -50.32
CA ARG C 62 30.92 -42.90 -50.50
C ARG C 62 30.10 -43.13 -49.24
N THR C 63 30.69 -43.67 -48.18
CA THR C 63 29.98 -43.83 -46.92
C THR C 63 30.41 -42.77 -45.90
N VAL C 64 31.71 -42.52 -45.78
CA VAL C 64 32.23 -41.62 -44.75
C VAL C 64 31.83 -40.16 -45.04
N ARG C 65 31.99 -39.72 -46.30
CA ARG C 65 31.65 -38.35 -46.64
C ARG C 65 30.16 -38.08 -46.63
N LEU C 66 29.32 -39.11 -46.75
CA LEU C 66 27.89 -38.90 -46.61
C LEU C 66 27.47 -38.71 -45.16
N TYR C 67 28.15 -39.38 -44.22
CA TYR C 67 27.94 -39.06 -42.82
C TYR C 67 28.63 -37.77 -42.41
N ALA C 68 29.59 -37.28 -43.21
CA ALA C 68 30.18 -35.99 -42.96
C ALA C 68 29.21 -34.85 -43.24
N LYS C 69 28.22 -35.08 -44.10
CA LYS C 69 27.19 -34.07 -44.35
C LYS C 69 26.28 -33.89 -43.16
N GLU C 70 26.13 -34.93 -42.33
CA GLU C 70 25.26 -34.83 -41.16
C GLU C 70 26.03 -34.72 -39.86
N LEU C 71 27.33 -35.04 -39.85
CA LEU C 71 28.12 -34.84 -38.64
C LEU C 71 28.33 -33.36 -38.36
N TYR C 72 28.51 -32.57 -39.41
CA TYR C 72 28.71 -31.13 -39.22
C TYR C 72 27.41 -30.42 -38.85
N GLN C 73 26.32 -30.74 -39.55
CA GLN C 73 25.05 -30.05 -39.35
C GLN C 73 24.44 -30.33 -37.99
N ILE C 74 24.77 -31.46 -37.37
CA ILE C 74 24.37 -31.69 -35.99
C ILE C 74 25.32 -30.96 -35.04
N ASN C 75 26.62 -30.94 -35.34
CA ASN C 75 27.55 -30.15 -34.54
C ASN C 75 27.34 -28.66 -34.73
N LYS C 76 26.88 -28.23 -35.91
CA LYS C 76 26.40 -26.87 -36.06
C LYS C 76 25.16 -26.63 -35.21
N GLN C 77 24.30 -27.65 -35.11
CA GLN C 77 23.14 -27.56 -34.23
C GLN C 77 23.54 -27.71 -32.76
N TYR C 78 24.60 -28.47 -32.47
CA TYR C 78 24.97 -28.73 -31.09
C TYR C 78 25.55 -27.49 -30.42
N ASP C 79 26.49 -26.82 -31.08
CA ASP C 79 27.23 -25.74 -30.43
C ASP C 79 26.38 -24.50 -30.17
N ARG C 80 25.41 -24.20 -31.04
CA ARG C 80 24.51 -23.10 -30.76
C ARG C 80 23.47 -23.44 -29.71
N MET C 81 23.19 -24.72 -29.49
CA MET C 81 22.33 -25.13 -28.40
C MET C 81 23.12 -25.39 -27.12
N TYR C 82 24.40 -25.75 -27.24
CA TYR C 82 25.26 -25.80 -26.07
C TYR C 82 25.56 -24.41 -25.53
N THR C 83 25.70 -23.43 -26.43
CA THR C 83 25.86 -22.05 -25.99
C THR C 83 24.61 -21.55 -25.29
N SER C 84 23.43 -21.88 -25.84
CA SER C 84 22.17 -21.43 -25.29
C SER C 84 21.86 -22.01 -23.92
N ARG C 85 22.51 -23.10 -23.54
CA ARG C 85 22.38 -23.58 -22.18
C ARG C 85 23.13 -22.64 -21.24
N ALA C 86 24.29 -22.14 -21.66
CA ALA C 86 25.02 -21.15 -20.88
C ALA C 86 24.45 -19.75 -21.03
N GLN C 87 23.60 -19.53 -22.03
CA GLN C 87 22.94 -18.23 -22.15
C GLN C 87 21.81 -18.07 -21.15
N LEU C 88 20.94 -19.08 -21.06
CA LEU C 88 19.82 -19.02 -20.11
C LEU C 88 20.31 -19.10 -18.68
N ASP C 89 21.37 -19.86 -18.42
CA ASP C 89 21.94 -19.89 -17.08
C ASP C 89 22.59 -18.57 -16.71
N SER C 90 23.00 -17.78 -17.70
CA SER C 90 23.46 -16.43 -17.41
C SER C 90 22.28 -15.52 -17.08
N VAL C 91 21.15 -15.70 -17.76
CA VAL C 91 20.01 -14.82 -17.56
C VAL C 91 19.22 -15.21 -16.32
N ARG C 92 19.02 -16.51 -16.09
CA ARG C 92 18.24 -16.96 -14.95
C ARG C 92 18.97 -16.71 -13.63
N MET C 93 20.30 -16.61 -13.66
CA MET C 93 21.02 -16.21 -12.46
C MET C 93 20.92 -14.72 -12.21
N LYS C 94 21.00 -13.89 -13.25
CA LYS C 94 20.87 -12.45 -13.05
C LYS C 94 19.45 -12.04 -12.76
N ILE C 95 18.46 -12.80 -13.23
CA ILE C 95 17.08 -12.40 -12.99
C ILE C 95 16.57 -12.99 -11.67
N ASP C 96 17.25 -13.99 -11.10
CA ASP C 96 16.97 -14.35 -9.72
C ASP C 96 17.58 -13.35 -8.77
N GLU C 97 18.71 -12.74 -9.14
CA GLU C 97 19.29 -11.69 -8.33
C GLU C 97 18.41 -10.44 -8.33
N ALA C 98 17.68 -10.21 -9.41
CA ALA C 98 16.73 -9.10 -9.45
C ALA C 98 15.50 -9.41 -8.63
N ILE C 99 15.15 -10.69 -8.48
CA ILE C 99 13.98 -11.05 -7.71
C ILE C 99 14.26 -10.94 -6.22
N ARG C 100 15.43 -11.40 -5.78
CA ARG C 100 15.76 -11.26 -4.36
C ARG C 100 15.96 -9.80 -3.94
N MET C 101 17.16 -9.26 -4.16
CA MET C 101 17.55 -7.85 -4.19
C MET C 101 17.20 -6.99 -2.97
N ASN C 102 16.09 -7.28 -2.28
CA ASN C 102 15.75 -6.74 -0.97
C ASN C 102 14.83 -7.77 -0.35
N THR C 103 15.42 -8.73 0.34
CA THR C 103 14.67 -9.74 1.06
C THR C 103 15.14 -9.68 2.48
N LEU C 104 14.35 -10.26 3.38
CA LEU C 104 14.82 -10.34 4.76
C LEU C 104 15.92 -11.39 4.87
N SER C 105 15.92 -12.38 3.96
CA SER C 105 16.99 -13.37 3.92
C SER C 105 18.32 -12.74 3.53
N ASN C 106 18.32 -11.88 2.52
CA ASN C 106 19.52 -11.13 2.21
C ASN C 106 19.77 -10.00 3.20
N GLN C 107 18.75 -9.60 3.95
CA GLN C 107 19.00 -8.58 4.96
C GLN C 107 19.76 -9.16 6.14
N MET C 108 19.35 -10.33 6.63
CA MET C 108 20.06 -10.94 7.75
C MET C 108 21.42 -11.47 7.35
N ALA C 109 21.56 -11.97 6.12
CA ALA C 109 22.84 -12.51 5.69
C ALA C 109 23.86 -11.39 5.45
N ASP C 110 23.45 -10.29 4.83
CA ASP C 110 24.37 -9.19 4.60
C ASP C 110 24.64 -8.37 5.84
N SER C 111 23.76 -8.39 6.82
CA SER C 111 24.00 -7.70 8.08
C SER C 111 24.91 -8.45 9.02
N ALA C 112 24.68 -9.76 9.20
CA ALA C 112 25.54 -10.53 10.09
C ALA C 112 26.92 -10.72 9.50
N GLY C 113 27.03 -10.65 8.17
CA GLY C 113 28.35 -10.60 7.56
C GLY C 113 29.02 -9.26 7.67
N LEU C 114 28.26 -8.22 8.01
CA LEU C 114 28.84 -6.91 8.19
C LEU C 114 29.18 -6.64 9.65
N MET C 115 28.40 -7.20 10.56
CA MET C 115 28.69 -7.04 11.97
C MET C 115 29.96 -7.77 12.39
N ARG C 116 30.34 -8.83 11.68
CA ARG C 116 31.64 -9.43 11.92
C ARG C 116 32.77 -8.52 11.43
N GLU C 117 32.50 -7.72 10.39
CA GLU C 117 33.51 -6.82 9.87
C GLU C 117 33.62 -5.57 10.70
N VAL C 118 32.55 -5.17 11.38
CA VAL C 118 32.63 -4.08 12.33
C VAL C 118 33.32 -4.55 13.60
N ASN C 119 33.04 -5.79 14.03
CA ASN C 119 33.63 -6.33 15.24
C ASN C 119 35.13 -6.52 15.10
N SER C 120 35.61 -6.78 13.88
CA SER C 120 37.03 -6.92 13.68
C SER C 120 37.73 -5.58 13.70
N LEU C 121 37.00 -4.49 13.48
CA LEU C 121 37.60 -3.16 13.43
C LEU C 121 37.53 -2.42 14.76
N VAL C 122 36.48 -2.66 15.55
CA VAL C 122 36.35 -1.97 16.83
C VAL C 122 37.33 -2.49 17.87
N ARG C 123 37.93 -3.65 17.65
CA ARG C 123 38.86 -4.23 18.60
C ARG C 123 40.29 -3.82 18.35
N LEU C 124 40.55 -2.98 17.38
CA LEU C 124 41.89 -2.55 17.10
C LEU C 124 42.33 -1.54 18.16
N PRO C 125 43.50 -1.71 18.77
CA PRO C 125 43.87 -0.88 19.94
C PRO C 125 44.22 0.55 19.61
N GLN C 126 44.34 0.90 18.34
CA GLN C 126 44.65 2.29 18.00
C GLN C 126 43.44 3.20 18.16
N LEU C 127 42.23 2.67 17.96
CA LEU C 127 41.01 3.43 18.19
C LEU C 127 40.36 3.10 19.53
N ARG C 128 41.17 2.83 20.54
CA ARG C 128 40.66 2.66 21.89
C ARG C 128 40.01 3.94 22.39
N ASN C 129 40.68 5.07 22.21
CA ASN C 129 40.22 6.35 22.75
C ASN C 129 38.93 6.81 22.08
N THR C 130 38.64 6.32 20.88
CA THR C 130 37.32 6.53 20.29
C THR C 130 36.25 5.74 21.06
N MET C 131 36.56 4.49 21.41
CA MET C 131 35.57 3.60 22.00
C MET C 131 35.20 3.97 23.42
N ILE C 132 36.07 4.66 24.15
CA ILE C 132 35.64 5.24 25.42
C ILE C 132 34.64 6.35 25.18
N GLU C 133 34.94 7.23 24.22
CA GLU C 133 34.04 8.32 23.88
C GLU C 133 32.75 7.83 23.25
N LEU C 134 32.82 6.72 22.54
CA LEU C 134 31.63 6.19 21.88
C LEU C 134 30.73 5.45 22.85
N GLU C 135 31.32 4.68 23.78
CA GLU C 135 30.54 4.00 24.81
C GLU C 135 29.89 4.97 25.77
N LYS C 136 30.47 6.16 25.92
CA LYS C 136 29.94 7.14 26.87
C LYS C 136 28.67 7.79 26.34
N GLU C 137 28.40 7.69 25.05
CA GLU C 137 27.26 8.38 24.46
C GLU C 137 26.12 7.49 24.00
N LEU C 138 26.39 6.26 23.55
CA LEU C 138 25.36 5.50 22.84
C LEU C 138 24.29 4.97 23.77
N MET C 139 23.10 4.78 23.20
CA MET C 139 22.03 4.04 23.87
C MET C 139 22.45 2.59 24.00
N LYS C 140 21.96 1.92 25.04
CA LYS C 140 22.28 0.51 25.25
C LYS C 140 21.42 -0.32 24.31
N SER C 141 21.90 -0.44 23.08
CA SER C 141 21.17 -0.95 21.93
C SER C 141 21.43 -2.43 21.76
N GLY C 142 21.24 -2.91 20.54
CA GLY C 142 21.58 -4.27 20.19
C GLY C 142 23.03 -4.39 19.82
N ILE C 143 23.32 -4.69 18.54
CA ILE C 143 24.63 -5.21 18.16
C ILE C 143 25.73 -4.17 18.35
N ILE C 144 25.50 -2.94 17.91
CA ILE C 144 26.57 -1.95 17.84
C ILE C 144 26.98 -1.50 19.24
N SER C 145 26.01 -1.22 20.10
CA SER C 145 26.38 -0.80 21.46
C SER C 145 26.91 -1.96 22.26
N GLU C 146 26.57 -3.18 21.88
CA GLU C 146 27.21 -4.33 22.50
C GLU C 146 28.66 -4.45 22.07
N MET C 147 28.96 -4.19 20.80
CA MET C 147 30.32 -4.36 20.31
C MET C 147 31.25 -3.28 20.83
N VAL C 148 30.72 -2.12 21.22
CA VAL C 148 31.60 -1.04 21.63
C VAL C 148 31.75 -1.00 23.14
N ASP C 149 31.03 -1.86 23.86
CA ASP C 149 31.34 -1.98 25.28
C ASP C 149 31.83 -3.36 25.65
N ASP C 150 31.81 -4.30 24.72
CA ASP C 150 32.56 -5.52 24.86
C ASP C 150 34.05 -5.28 24.65
N THR C 151 34.41 -4.20 23.97
CA THR C 151 35.80 -3.86 23.74
C THR C 151 36.40 -3.01 24.85
N MET C 152 35.84 -3.05 26.06
CA MET C 152 36.46 -2.40 27.20
C MET C 152 37.54 -3.28 27.83
N GLU C 153 37.72 -4.49 27.31
CA GLU C 153 38.83 -5.36 27.69
C GLU C 153 39.99 -5.25 26.71
N SER C 154 40.41 -4.02 26.43
CA SER C 154 41.60 -3.79 25.62
C SER C 154 42.24 -2.48 26.03
N VAL C 155 43.55 -2.36 25.88
CA VAL C 155 44.25 -1.18 26.36
C VAL C 155 45.49 -0.99 25.49
N GLY C 156 46.00 0.24 25.43
CA GLY C 156 47.27 0.50 24.79
C GLY C 156 48.20 1.20 25.74
N ASP C 157 49.40 0.64 25.87
CA ASP C 157 50.39 1.16 26.80
C ASP C 157 51.77 0.89 26.24
N VAL C 158 52.76 1.63 26.73
CA VAL C 158 54.14 1.55 26.26
C VAL C 158 54.74 0.19 26.61
N GLY C 159 55.64 -0.29 25.75
CA GLY C 159 56.28 -1.57 25.98
C GLY C 159 57.79 -1.48 25.90
N GLU C 160 58.41 -2.40 25.16
CA GLU C 160 59.85 -2.39 24.96
C GLU C 160 60.19 -1.28 23.99
N GLU C 161 60.73 -0.18 24.52
CA GLU C 161 61.03 0.98 23.71
C GLU C 161 62.33 0.77 22.91
N MET C 162 62.49 1.55 21.86
CA MET C 162 63.69 1.50 21.05
C MET C 162 64.78 2.37 21.65
N ASP C 163 65.83 1.73 22.17
CA ASP C 163 67.04 2.43 22.54
C ASP C 163 68.02 2.56 21.39
N GLU C 164 67.89 1.73 20.37
CA GLU C 164 68.72 1.78 19.18
C GLU C 164 68.16 2.68 18.09
N ALA C 165 67.20 3.54 18.42
CA ALA C 165 66.65 4.50 17.46
C ALA C 165 67.08 5.93 17.75
N VAL C 166 67.31 6.26 19.02
CA VAL C 166 67.75 7.61 19.39
C VAL C 166 69.14 7.88 18.85
N ASP C 167 70.06 6.93 19.06
CA ASP C 167 71.38 7.04 18.47
C ASP C 167 71.35 6.80 16.96
N GLU C 168 70.28 6.18 16.46
CA GLU C 168 70.10 6.06 15.02
C GLU C 168 69.61 7.37 14.42
N GLU C 169 68.97 8.21 15.24
CA GLU C 169 68.58 9.54 14.77
C GLU C 169 69.80 10.44 14.58
N VAL C 170 70.73 10.41 15.54
CA VAL C 170 71.93 11.23 15.43
C VAL C 170 72.92 10.62 14.43
N ASN C 171 72.74 9.35 14.07
CA ASN C 171 73.60 8.73 13.08
C ASN C 171 73.33 9.27 11.67
N LYS C 172 72.07 9.53 11.34
CA LYS C 172 71.74 9.98 10.00
C LYS C 172 71.92 11.49 9.84
N ILE C 173 71.85 12.25 10.92
CA ILE C 173 71.86 13.70 10.83
C ILE C 173 72.36 14.34 12.12
N MET D 4 8.50 -2.69 12.67
CA MET D 4 8.30 -2.90 11.24
C MET D 4 9.56 -3.45 10.59
N ASP D 5 10.71 -2.95 11.02
CA ASP D 5 12.01 -3.42 10.55
C ASP D 5 12.76 -3.92 11.77
N TYR D 6 12.95 -5.24 11.84
CA TYR D 6 13.45 -5.87 13.06
C TYR D 6 14.95 -6.07 13.04
N ILE D 7 15.56 -6.30 11.87
CA ILE D 7 17.01 -6.37 11.79
C ILE D 7 17.62 -5.01 12.07
N LYS D 8 16.97 -3.95 11.63
CA LYS D 8 17.44 -2.61 11.90
C LYS D 8 17.35 -2.27 13.38
N LYS D 9 16.32 -2.76 14.07
CA LYS D 9 16.24 -2.55 15.50
C LYS D 9 17.12 -3.51 16.28
N ALA D 10 17.51 -4.63 15.69
CA ALA D 10 18.42 -5.52 16.39
C ALA D 10 19.83 -4.97 16.39
N ILE D 11 20.17 -4.15 15.40
CA ILE D 11 21.50 -3.57 15.29
C ILE D 11 21.60 -2.27 16.06
N TRP D 12 20.61 -1.40 15.91
CA TRP D 12 20.69 -0.05 16.43
C TRP D 12 19.82 0.17 17.66
N GLY D 13 19.04 -0.81 18.08
CA GLY D 13 18.27 -0.66 19.29
C GLY D 13 16.84 -0.29 19.02
N PRO D 14 16.10 0.06 20.08
CA PRO D 14 14.67 0.29 19.92
C PRO D 14 14.34 1.58 19.19
N ASP D 15 15.24 2.54 19.14
CA ASP D 15 15.05 3.77 18.38
C ASP D 15 16.23 3.87 17.44
N PRO D 16 16.15 3.26 16.26
CA PRO D 16 17.34 3.16 15.42
C PRO D 16 17.76 4.45 14.76
N LYS D 17 16.84 5.38 14.51
CA LYS D 17 17.23 6.61 13.83
C LYS D 17 18.00 7.55 14.71
N GLU D 18 17.86 7.45 16.03
CA GLU D 18 18.61 8.32 16.91
C GLU D 18 19.92 7.68 17.34
N GLN D 19 20.03 6.35 17.30
CA GLN D 19 21.32 5.71 17.49
C GLN D 19 22.26 6.02 16.34
N GLN D 20 21.73 6.25 15.14
CA GLN D 20 22.57 6.52 13.99
C GLN D 20 23.11 7.94 14.00
N ARG D 21 22.34 8.91 14.49
CA ARG D 21 22.89 10.25 14.60
C ARG D 21 23.66 10.46 15.88
N ARG D 22 23.66 9.47 16.76
CA ARG D 22 24.45 9.54 17.97
C ARG D 22 25.82 8.91 17.78
N ILE D 23 25.98 8.03 16.78
CA ILE D 23 27.31 7.60 16.38
C ILE D 23 27.96 8.66 15.51
N ARG D 24 27.25 9.10 14.46
CA ARG D 24 27.83 10.04 13.52
C ARG D 24 28.06 11.42 14.12
N SER D 25 27.46 11.70 15.28
CA SER D 25 27.93 12.83 16.08
C SER D 25 29.29 12.54 16.67
N VAL D 26 29.42 11.41 17.37
CA VAL D 26 30.64 11.09 18.12
C VAL D 26 31.78 10.78 17.16
N LEU D 27 31.49 10.06 16.09
CA LEU D 27 32.52 9.60 15.18
C LEU D 27 32.98 10.70 14.23
N ARG D 28 32.35 11.87 14.29
CA ARG D 28 32.78 13.10 13.64
C ARG D 28 33.60 13.97 14.58
N LYS D 29 33.25 13.99 15.87
CA LYS D 29 34.05 14.71 16.86
C LYS D 29 35.45 14.13 16.96
N ASN D 30 35.58 12.81 16.88
CA ASN D 30 36.90 12.20 16.83
C ASN D 30 37.60 12.51 15.52
N GLY D 31 36.86 12.55 14.42
CA GLY D 31 37.45 12.91 13.14
C GLY D 31 37.97 14.33 13.08
N ARG D 32 37.49 15.21 13.95
CA ARG D 32 38.07 16.53 14.08
C ARG D 32 39.15 16.57 15.13
N ASN D 33 39.07 15.72 16.16
CA ASN D 33 40.08 15.76 17.20
C ASN D 33 41.38 15.09 16.77
N ILE D 34 41.30 14.06 15.92
CA ILE D 34 42.52 13.49 15.35
C ILE D 34 43.16 14.48 14.39
N GLU D 35 42.34 15.14 13.55
CA GLU D 35 42.87 16.12 12.61
C GLU D 35 43.39 17.37 13.33
N LYS D 36 42.88 17.66 14.52
CA LYS D 36 43.47 18.73 15.30
C LYS D 36 44.78 18.28 15.93
N SER D 37 44.80 17.06 16.47
CA SER D 37 45.98 16.55 17.17
C SER D 37 47.09 16.13 16.23
N LEU D 38 46.85 16.05 14.93
CA LEU D 38 47.95 15.98 13.97
C LEU D 38 48.39 17.36 13.50
N ARG D 39 47.47 18.32 13.49
CA ARG D 39 47.83 19.66 13.05
C ARG D 39 48.64 20.39 14.11
N GLU D 40 48.37 20.14 15.38
CA GLU D 40 49.16 20.76 16.44
C GLU D 40 50.43 19.99 16.77
N LEU D 41 50.62 18.83 16.15
CA LEU D 41 51.80 18.01 16.41
C LEU D 41 52.70 17.88 15.19
N THR D 42 52.20 18.24 14.01
CA THR D 42 53.09 18.41 12.86
C THR D 42 54.00 19.61 13.08
N VAL D 43 53.51 20.64 13.77
CA VAL D 43 54.32 21.81 14.03
C VAL D 43 55.39 21.56 15.10
N LEU D 44 55.19 20.57 15.97
CA LEU D 44 56.28 20.18 16.87
C LEU D 44 57.32 19.34 16.12
N GLN D 45 56.91 18.62 15.09
CA GLN D 45 57.89 18.10 14.14
C GLN D 45 58.56 19.22 13.37
N ASN D 46 57.79 20.23 12.95
CA ASN D 46 58.33 21.27 12.08
C ASN D 46 59.26 22.22 12.83
N LYS D 47 59.04 22.43 14.13
CA LYS D 47 59.97 23.27 14.88
C LYS D 47 61.25 22.53 15.20
N THR D 48 61.18 21.21 15.35
CA THR D 48 62.38 20.42 15.64
C THR D 48 63.24 20.29 14.39
N GLN D 49 62.62 20.30 13.19
CA GLN D 49 63.38 20.38 11.95
C GLN D 49 64.13 21.70 11.82
N GLN D 50 63.69 22.75 12.53
CA GLN D 50 64.46 23.98 12.61
C GLN D 50 65.52 23.92 13.70
N LEU D 51 65.37 23.02 14.68
CA LEU D 51 66.32 22.93 15.78
C LEU D 51 67.39 21.88 15.59
N ILE D 52 67.08 20.79 14.89
CA ILE D 52 68.13 19.84 14.51
C ILE D 52 69.04 20.44 13.44
N LYS D 53 68.44 21.11 12.45
CA LYS D 53 69.21 21.76 11.40
C LYS D 53 69.99 22.97 11.91
N LYS D 54 69.57 23.55 13.04
CA LYS D 54 70.36 24.59 13.68
C LYS D 54 71.63 23.99 14.29
N SER D 55 71.48 23.01 15.16
CA SER D 55 72.61 22.44 15.89
C SER D 55 73.39 21.41 15.07
N ALA D 56 73.00 21.18 13.82
CA ALA D 56 73.83 20.36 12.93
C ALA D 56 75.11 21.09 12.54
N LYS D 57 75.06 22.42 12.47
CA LYS D 57 76.25 23.21 12.19
C LYS D 57 76.98 23.63 13.46
N LYS D 58 76.30 23.63 14.61
CA LYS D 58 76.97 23.84 15.88
C LYS D 58 77.88 22.67 16.23
N ASN D 59 77.50 21.46 15.80
CA ASN D 59 78.21 20.20 16.07
C ASN D 59 78.37 19.95 17.56
N ASP D 60 77.34 20.30 18.33
CA ASP D 60 77.30 20.04 19.77
C ASP D 60 76.59 18.71 19.99
N VAL D 61 77.32 17.75 20.57
CA VAL D 61 76.72 16.46 20.88
C VAL D 61 75.71 16.60 22.00
N ARG D 62 75.94 17.53 22.94
CA ARG D 62 75.03 17.75 24.05
C ARG D 62 73.76 18.49 23.64
N THR D 63 73.71 19.03 22.41
CA THR D 63 72.48 19.69 21.97
C THR D 63 71.65 18.79 21.08
N VAL D 64 72.27 18.05 20.16
CA VAL D 64 71.53 17.24 19.19
C VAL D 64 70.89 16.04 19.86
N ARG D 65 71.64 15.31 20.69
CA ARG D 65 71.10 14.12 21.35
C ARG D 65 70.16 14.46 22.50
N LEU D 66 70.06 15.74 22.90
CA LEU D 66 69.00 16.13 23.81
C LEU D 66 67.69 16.41 23.06
N TYR D 67 67.77 16.90 21.82
CA TYR D 67 66.56 16.95 21.00
C TYR D 67 66.18 15.59 20.43
N ALA D 68 67.12 14.64 20.41
CA ALA D 68 66.82 13.31 19.91
C ALA D 68 65.92 12.53 20.87
N LYS D 69 65.87 12.92 22.14
CA LYS D 69 64.98 12.25 23.08
C LYS D 69 63.54 12.68 22.88
N GLU D 70 63.31 13.95 22.54
CA GLU D 70 61.95 14.42 22.30
C GLU D 70 61.51 14.22 20.87
N LEU D 71 62.44 14.12 19.91
CA LEU D 71 62.07 13.80 18.53
C LEU D 71 61.55 12.38 18.41
N TYR D 72 62.09 11.45 19.20
CA TYR D 72 61.60 10.09 19.17
C TYR D 72 60.22 9.98 19.80
N GLN D 73 59.97 10.71 20.89
CA GLN D 73 58.68 10.62 21.57
C GLN D 73 57.56 11.26 20.77
N ILE D 74 57.86 12.23 19.91
CA ILE D 74 56.81 12.82 19.08
C ILE D 74 56.53 11.94 17.87
N ASN D 75 57.56 11.39 17.23
CA ASN D 75 57.34 10.50 16.09
C ASN D 75 56.72 9.18 16.51
N LYS D 76 56.99 8.73 17.74
CA LYS D 76 56.25 7.59 18.28
C LYS D 76 54.81 7.98 18.55
N GLN D 77 54.58 9.23 18.97
CA GLN D 77 53.22 9.73 19.15
C GLN D 77 52.55 10.00 17.80
N TYR D 78 53.31 10.46 16.81
CA TYR D 78 52.73 10.77 15.51
C TYR D 78 52.28 9.52 14.77
N ASP D 79 53.06 8.44 14.87
CA ASP D 79 52.75 7.25 14.10
C ASP D 79 51.57 6.47 14.66
N ARG D 80 51.23 6.66 15.93
CA ARG D 80 50.03 6.06 16.47
C ARG D 80 48.81 6.96 16.29
N MET D 81 49.01 8.25 16.08
CA MET D 81 47.90 9.16 15.78
C MET D 81 47.64 9.27 14.29
N TYR D 82 48.66 9.07 13.46
CA TYR D 82 48.42 8.94 12.03
C TYR D 82 47.69 7.65 11.70
N THR D 83 47.93 6.60 12.49
CA THR D 83 47.25 5.33 12.28
C THR D 83 45.77 5.45 12.62
N SER D 84 45.47 6.04 13.77
CA SER D 84 44.08 6.19 14.24
C SER D 84 43.25 7.09 13.34
N ARG D 85 43.88 7.97 12.56
CA ARG D 85 43.14 8.70 11.55
C ARG D 85 42.68 7.76 10.45
N ALA D 86 43.53 6.80 10.07
CA ALA D 86 43.16 5.83 9.06
C ALA D 86 42.34 4.68 9.64
N GLN D 87 42.35 4.52 10.96
CA GLN D 87 41.53 3.48 11.58
C GLN D 87 40.08 3.93 11.72
N LEU D 88 39.86 5.20 12.04
CA LEU D 88 38.49 5.75 12.06
C LEU D 88 37.86 5.71 10.68
N ASP D 89 38.61 6.09 9.65
CA ASP D 89 38.03 6.12 8.31
C ASP D 89 37.77 4.72 7.77
N SER D 90 38.37 3.70 8.35
CA SER D 90 37.92 2.34 8.05
C SER D 90 36.63 2.04 8.78
N VAL D 91 36.50 2.49 10.03
CA VAL D 91 35.31 2.23 10.81
C VAL D 91 34.14 3.07 10.33
N ARG D 92 34.38 4.35 10.07
CA ARG D 92 33.29 5.24 9.69
C ARG D 92 32.76 4.92 8.29
N MET D 93 33.58 4.30 7.44
CA MET D 93 33.07 3.84 6.16
C MET D 93 32.28 2.55 6.28
N LYS D 94 32.69 1.65 7.17
CA LYS D 94 31.91 0.43 7.38
C LYS D 94 30.63 0.69 8.15
N ILE D 95 30.63 1.68 9.03
CA ILE D 95 29.45 1.92 9.83
C ILE D 95 28.49 2.85 9.10
N ASP D 96 28.95 3.55 8.06
CA ASP D 96 28.01 4.19 7.14
C ASP D 96 27.34 3.18 6.23
N GLU D 97 28.08 2.13 5.85
CA GLU D 97 27.50 1.05 5.05
C GLU D 97 26.41 0.33 5.83
N ALA D 98 26.53 0.22 7.15
CA ALA D 98 25.47 -0.38 7.95
C ALA D 98 24.27 0.53 8.05
N ILE D 99 24.48 1.84 8.02
CA ILE D 99 23.36 2.78 8.12
C ILE D 99 22.53 2.75 6.86
N ARG D 100 23.17 2.74 5.69
CA ARG D 100 22.41 2.63 4.45
C ARG D 100 21.73 1.27 4.32
N MET D 101 22.47 0.27 3.84
CA MET D 101 22.25 -1.17 3.91
C MET D 101 20.91 -1.71 3.39
N ASN D 102 19.81 -0.97 3.58
CA ASN D 102 18.51 -1.24 2.96
C ASN D 102 17.82 0.11 2.94
N THR D 103 18.07 0.87 1.88
CA THR D 103 17.47 2.17 1.68
C THR D 103 17.20 2.29 0.20
N LEU D 104 16.46 3.33 -0.17
CA LEU D 104 16.08 3.45 -1.56
C LEU D 104 17.23 3.96 -2.41
N SER D 105 18.22 4.61 -1.79
CA SER D 105 19.38 5.06 -2.55
C SER D 105 20.25 3.88 -2.97
N ASN D 106 20.43 2.90 -2.10
CA ASN D 106 21.06 1.67 -2.54
C ASN D 106 20.13 0.87 -3.45
N GLN D 107 18.83 0.88 -3.18
CA GLN D 107 17.91 0.07 -3.96
C GLN D 107 17.77 0.59 -5.38
N MET D 108 17.98 1.89 -5.59
CA MET D 108 17.99 2.40 -6.94
C MET D 108 19.33 2.21 -7.61
N ALA D 109 20.43 2.43 -6.89
CA ALA D 109 21.75 2.32 -7.49
C ALA D 109 22.13 0.88 -7.81
N ASP D 110 21.74 -0.07 -6.95
CA ASP D 110 22.00 -1.46 -7.23
C ASP D 110 21.13 -2.02 -8.33
N SER D 111 19.93 -1.48 -8.52
CA SER D 111 19.02 -1.98 -9.52
C SER D 111 19.18 -1.33 -10.87
N ALA D 112 19.52 -0.04 -10.92
CA ALA D 112 19.76 0.58 -12.22
C ALA D 112 21.06 0.08 -12.84
N GLY D 113 22.00 -0.37 -12.01
CA GLY D 113 23.17 -1.05 -12.52
C GLY D 113 22.92 -2.51 -12.82
N LEU D 114 21.81 -3.05 -12.34
CA LEU D 114 21.49 -4.44 -12.63
C LEU D 114 20.65 -4.55 -13.90
N MET D 115 19.79 -3.57 -14.16
CA MET D 115 19.02 -3.58 -15.39
C MET D 115 19.88 -3.33 -16.61
N ARG D 116 21.02 -2.67 -16.47
CA ARG D 116 21.96 -2.59 -17.59
C ARG D 116 22.59 -3.95 -17.87
N GLU D 117 22.77 -4.77 -16.84
CA GLU D 117 23.34 -6.09 -17.03
C GLU D 117 22.31 -7.09 -17.53
N VAL D 118 21.04 -6.84 -17.28
CA VAL D 118 19.99 -7.67 -17.86
C VAL D 118 19.74 -7.28 -19.31
N ASN D 119 19.81 -5.98 -19.61
CA ASN D 119 19.61 -5.50 -20.97
C ASN D 119 20.72 -5.97 -21.91
N SER D 120 21.91 -6.22 -21.36
CA SER D 120 22.98 -6.74 -22.19
C SER D 120 22.79 -8.22 -22.48
N LEU D 121 22.09 -8.93 -21.60
CA LEU D 121 21.94 -10.37 -21.75
C LEU D 121 20.68 -10.76 -22.50
N VAL D 122 19.62 -9.96 -22.44
CA VAL D 122 18.40 -10.29 -23.18
C VAL D 122 18.56 -10.02 -24.67
N ARG D 123 19.58 -9.28 -25.07
CA ARG D 123 19.80 -8.98 -26.47
C ARG D 123 20.73 -9.97 -27.15
N LEU D 124 21.14 -11.02 -26.47
CA LEU D 124 22.00 -12.00 -27.09
C LEU D 124 21.17 -12.91 -27.98
N PRO D 125 21.60 -13.15 -29.23
CA PRO D 125 20.71 -13.75 -30.23
C PRO D 125 20.45 -15.23 -30.03
N GLN D 126 21.21 -15.92 -29.18
CA GLN D 126 20.97 -17.33 -28.96
C GLN D 126 19.70 -17.57 -28.15
N LEU D 127 19.34 -16.64 -27.28
CA LEU D 127 18.17 -16.77 -26.43
C LEU D 127 16.97 -15.98 -26.95
N ARG D 128 16.92 -15.73 -28.26
CA ARG D 128 15.77 -15.02 -28.82
C ARG D 128 14.52 -15.88 -28.78
N ASN D 129 14.67 -17.19 -28.95
CA ASN D 129 13.55 -18.13 -28.89
C ASN D 129 12.87 -18.12 -27.53
N THR D 130 13.61 -17.82 -26.46
CA THR D 130 12.99 -17.53 -25.17
C THR D 130 12.16 -16.26 -25.23
N MET D 131 12.69 -15.22 -25.86
CA MET D 131 12.10 -13.89 -25.77
C MET D 131 10.81 -13.74 -26.58
N ILE D 132 10.60 -14.56 -27.61
CA ILE D 132 9.28 -14.62 -28.23
C ILE D 132 8.28 -15.24 -27.25
N GLU D 133 8.68 -16.33 -26.61
CA GLU D 133 7.80 -16.99 -25.64
C GLU D 133 7.61 -16.14 -24.39
N LEU D 134 8.63 -15.36 -24.02
CA LEU D 134 8.55 -14.55 -22.82
C LEU D 134 7.69 -13.31 -23.03
N GLU D 135 7.81 -12.68 -24.20
CA GLU D 135 7.00 -11.50 -24.51
C GLU D 135 5.53 -11.87 -24.67
N LYS D 136 5.24 -13.10 -25.06
CA LYS D 136 3.86 -13.53 -25.26
C LYS D 136 3.12 -13.67 -23.94
N GLU D 137 3.84 -13.83 -22.83
CA GLU D 137 3.23 -14.14 -21.55
C GLU D 137 3.16 -12.97 -20.58
N LEU D 138 4.18 -12.10 -20.54
CA LEU D 138 4.32 -11.18 -19.43
C LEU D 138 3.30 -10.05 -19.49
N MET D 139 2.92 -9.58 -18.31
CA MET D 139 2.14 -8.35 -18.16
C MET D 139 2.93 -7.18 -18.71
N LYS D 140 2.21 -6.16 -19.19
CA LYS D 140 2.89 -4.96 -19.71
C LYS D 140 3.35 -4.12 -18.53
N SER D 141 4.43 -4.57 -17.93
CA SER D 141 4.95 -4.12 -16.65
C SER D 141 5.99 -3.03 -16.87
N GLY D 142 6.85 -2.83 -15.88
CA GLY D 142 7.86 -1.80 -15.96
C GLY D 142 9.08 -2.25 -16.73
N ILE D 143 10.25 -2.28 -16.07
CA ILE D 143 11.53 -2.33 -16.78
C ILE D 143 11.70 -3.64 -17.54
N ILE D 144 11.33 -4.76 -16.92
CA ILE D 144 11.63 -6.07 -17.50
C ILE D 144 10.80 -6.33 -18.74
N SER D 145 9.49 -6.08 -18.66
CA SER D 145 8.64 -6.31 -19.82
C SER D 145 8.80 -5.22 -20.86
N GLU D 146 9.46 -4.13 -20.52
CA GLU D 146 9.79 -3.15 -21.53
C GLU D 146 11.11 -3.49 -22.19
N MET D 147 11.89 -4.39 -21.58
CA MET D 147 13.13 -4.83 -22.22
C MET D 147 12.90 -6.03 -23.11
N VAL D 148 11.91 -6.86 -22.81
CA VAL D 148 11.73 -8.09 -23.59
C VAL D 148 10.96 -7.80 -24.87
N ASP D 149 10.36 -6.63 -24.98
CA ASP D 149 9.75 -6.28 -26.25
C ASP D 149 10.53 -5.19 -26.98
N ASP D 150 11.49 -4.57 -26.32
CA ASP D 150 12.47 -3.73 -27.00
C ASP D 150 13.55 -4.57 -27.66
N THR D 151 13.62 -5.85 -27.35
CA THR D 151 14.48 -6.76 -28.09
C THR D 151 13.74 -7.52 -29.17
N MET D 152 12.50 -7.13 -29.46
CA MET D 152 11.77 -7.71 -30.59
C MET D 152 12.10 -7.02 -31.91
N GLU D 153 12.96 -6.00 -31.88
CA GLU D 153 13.34 -5.33 -33.12
C GLU D 153 14.55 -5.97 -33.80
N SER D 154 14.54 -7.29 -33.91
CA SER D 154 15.65 -8.02 -34.51
C SER D 154 15.25 -9.45 -34.82
N VAL D 155 15.79 -10.01 -35.90
CA VAL D 155 15.60 -11.42 -36.20
C VAL D 155 16.90 -11.91 -36.84
N GLY D 156 17.19 -13.21 -36.74
CA GLY D 156 18.43 -13.74 -37.25
C GLY D 156 18.17 -14.74 -38.36
N ASP D 157 19.11 -14.78 -39.29
CA ASP D 157 19.03 -15.69 -40.42
C ASP D 157 20.39 -16.38 -40.58
N VAL D 158 20.39 -17.50 -41.28
CA VAL D 158 21.62 -18.26 -41.50
C VAL D 158 22.54 -17.49 -42.44
N GLY D 159 23.85 -17.65 -42.26
CA GLY D 159 24.81 -16.91 -43.03
C GLY D 159 25.77 -17.78 -43.81
N GLU D 160 27.03 -17.35 -43.91
CA GLU D 160 28.05 -18.05 -44.68
C GLU D 160 28.48 -19.28 -43.88
N GLU D 161 27.97 -20.45 -44.28
CA GLU D 161 28.34 -21.69 -43.64
C GLU D 161 29.75 -22.11 -44.07
N MET D 162 30.31 -23.06 -43.33
CA MET D 162 31.68 -23.50 -43.59
C MET D 162 31.73 -24.52 -44.71
N ASP D 163 32.60 -24.28 -45.68
CA ASP D 163 32.81 -25.19 -46.79
C ASP D 163 34.18 -25.88 -46.74
N GLU D 164 35.08 -25.41 -45.88
CA GLU D 164 36.41 -25.98 -45.72
C GLU D 164 36.49 -26.91 -44.52
N ALA D 165 35.40 -27.06 -43.77
CA ALA D 165 35.40 -27.91 -42.59
C ALA D 165 34.76 -29.27 -42.86
N VAL D 166 34.06 -29.41 -43.98
CA VAL D 166 33.46 -30.69 -44.34
C VAL D 166 34.54 -31.69 -44.72
N ASP D 167 35.45 -31.29 -45.61
CA ASP D 167 36.58 -32.14 -45.97
C ASP D 167 37.67 -32.13 -44.90
N GLU D 168 37.59 -31.18 -43.96
CA GLU D 168 38.51 -31.21 -42.82
C GLU D 168 38.10 -32.29 -41.83
N GLU D 169 36.81 -32.65 -41.81
CA GLU D 169 36.36 -33.74 -40.94
C GLU D 169 36.83 -35.09 -41.46
N VAL D 170 36.81 -35.29 -42.78
CA VAL D 170 37.23 -36.57 -43.34
C VAL D 170 38.77 -36.67 -43.36
N ASN D 171 39.46 -35.55 -43.20
CA ASN D 171 40.92 -35.57 -43.12
C ASN D 171 41.39 -36.17 -41.80
N LYS D 172 40.62 -36.00 -40.72
CA LYS D 172 41.08 -36.48 -39.43
C LYS D 172 40.56 -37.88 -39.12
N ILE D 173 39.44 -38.30 -39.74
CA ILE D 173 38.85 -39.59 -39.43
C ILE D 173 38.03 -40.10 -40.62
#